data_6LRM
#
_entry.id   6LRM
#
_cell.length_a   57.879
_cell.length_b   80.448
_cell.length_c   163.733
_cell.angle_alpha   90.000
_cell.angle_beta   90.000
_cell.angle_gamma   90.000
#
_symmetry.space_group_name_H-M   'P 21 21 21'
#
loop_
_entity.id
_entity.type
_entity.pdbx_description
1 polymer "cAMP-specific 3',5'-cyclic phosphodiesterase 4D"
2 non-polymer 'ZINC ION'
3 non-polymer 'MAGNESIUM ION'
4 non-polymer Arctigenin
5 non-polymer 1,2-ETHANEDIOL
6 water water
#
_entity_poly.entity_id   1
_entity_poly.type   'polypeptide(L)'
_entity_poly.pdbx_seq_one_letter_code
;MGSSHHHHHHSSGLVPRGSHMTEQEDVLAKELEDVNKWGLHVFRIAELSGNRPLTVIMHTIFQERDLLKTFKIPVDTLIT
YLMTLEDHYHADVAYHNNIHAADVVQSTHVLLSTPALEAVFTDLEILAAIFASAIHDVDHPGVSNQFLINTNSELALMYN
DSSVLENHHLAVGFKLLQEENCDIFQNLTKKQRQSLRKMVIDIVLATDMSKHMNLLADLKTMVETKKVTSSGVLLLDNYS
DRIQVLQNMVHCADLSNPTKPLQLYRQWTDRIMEEFFRQGDRERERGMEISPMCDKHNASVEKSQVGFIDYIVHPLWETW
ADLVHPDAQDILDTLEDNREWYQSTIPQS
;
_entity_poly.pdbx_strand_id   A,B
#
loop_
_chem_comp.id
_chem_comp.type
_chem_comp.name
_chem_comp.formula
EDO non-polymer 1,2-ETHANEDIOL 'C2 H6 O2'
EQC non-polymer Arctigenin 'C21 H24 O6'
MG non-polymer 'MAGNESIUM ION' 'Mg 2'
ZN non-polymer 'ZINC ION' 'Zn 2'
#
# COMPACT_ATOMS: atom_id res chain seq x y z
N THR A 22 -2.61 6.99 47.07
CA THR A 22 -3.67 6.04 46.74
C THR A 22 -5.01 6.74 46.64
N GLU A 23 -5.10 7.98 47.12
CA GLU A 23 -6.31 8.77 46.90
C GLU A 23 -6.52 9.06 45.42
N GLN A 24 -5.44 9.51 44.74
CA GLN A 24 -5.50 9.72 43.30
C GLN A 24 -5.91 8.45 42.58
N GLU A 25 -5.42 7.30 43.07
CA GLU A 25 -5.76 6.01 42.48
C GLU A 25 -7.24 5.71 42.63
N ASP A 26 -7.81 6.03 43.81
CA ASP A 26 -9.24 5.88 44.00
C ASP A 26 -10.03 6.75 43.04
N VAL A 27 -9.61 8.00 42.87
CA VAL A 27 -10.33 8.87 41.95
C VAL A 27 -10.23 8.33 40.53
N LEU A 28 -9.06 7.82 40.14
CA LEU A 28 -8.91 7.27 38.79
C LEU A 28 -9.81 6.06 38.61
N ALA A 29 -9.85 5.18 39.61
CA ALA A 29 -10.70 4.00 39.51
C ALA A 29 -12.16 4.40 39.35
N LYS A 30 -12.60 5.41 40.12
CA LYS A 30 -13.99 5.87 39.98
C LYS A 30 -14.25 6.34 38.56
N GLU A 31 -13.34 7.14 38.00
CA GLU A 31 -13.54 7.62 36.64
C GLU A 31 -13.58 6.46 35.63
N LEU A 32 -12.75 5.43 35.84
CA LEU A 32 -12.74 4.30 34.92
C LEU A 32 -14.02 3.48 35.00
N GLU A 33 -14.81 3.67 36.06
CA GLU A 33 -16.14 3.07 36.08
C GLU A 33 -17.00 3.48 34.89
N ASP A 34 -16.69 4.60 34.23
CA ASP A 34 -17.46 5.09 33.09
C ASP A 34 -16.98 4.52 31.75
N VAL A 35 -16.13 3.49 31.76
CA VAL A 35 -15.54 3.05 30.51
C VAL A 35 -16.54 2.55 29.47
N ASN A 36 -17.73 2.14 29.90
CA ASN A 36 -18.74 1.68 28.95
C ASN A 36 -19.63 2.80 28.44
N LYS A 37 -19.37 4.04 28.82
CA LYS A 37 -20.23 5.17 28.51
C LYS A 37 -19.64 6.10 27.44
N TRP A 38 -20.49 6.56 26.52
CA TRP A 38 -20.09 7.64 25.61
C TRP A 38 -19.92 8.88 26.44
N GLY A 39 -18.83 9.59 26.25
CA GLY A 39 -18.66 10.78 27.07
C GLY A 39 -17.77 10.62 28.28
N LEU A 40 -17.06 9.49 28.38
CA LEU A 40 -16.02 9.31 29.39
C LEU A 40 -15.13 10.55 29.51
N HIS A 41 -14.69 10.83 30.73
CA HIS A 41 -13.85 12.02 30.99
C HIS A 41 -12.40 11.70 30.68
N VAL A 42 -12.09 11.60 29.37
CA VAL A 42 -10.81 11.04 28.94
C VAL A 42 -9.66 11.97 29.30
N PHE A 43 -9.89 13.29 29.28
CA PHE A 43 -8.82 14.20 29.69
C PHE A 43 -8.52 14.12 31.19
N ARG A 44 -9.57 13.96 32.02
CA ARG A 44 -9.40 13.74 33.44
C ARG A 44 -8.69 12.43 33.71
N ILE A 45 -9.02 11.38 32.93
CA ILE A 45 -8.26 10.12 33.07
C ILE A 45 -6.80 10.31 32.67
N ALA A 46 -6.53 11.10 31.62
CA ALA A 46 -5.11 11.32 31.27
C ALA A 46 -4.34 11.97 32.41
N GLU A 47 -4.92 12.99 33.06
CA GLU A 47 -4.27 13.61 34.22
C GLU A 47 -4.13 12.64 35.40
N LEU A 48 -5.24 11.99 35.78
CA LEU A 48 -5.23 11.18 37.00
C LEU A 48 -4.33 9.97 36.88
N SER A 49 -4.12 9.49 35.66
CA SER A 49 -3.28 8.33 35.42
C SER A 49 -1.82 8.68 35.21
N GLY A 50 -1.46 9.95 35.36
CA GLY A 50 -0.05 10.29 35.14
C GLY A 50 0.33 10.26 33.68
N ASN A 51 -0.57 10.71 32.81
CA ASN A 51 -0.40 10.70 31.36
C ASN A 51 -0.29 9.28 30.78
N ARG A 52 -1.04 8.36 31.36
CA ARG A 52 -1.15 7.01 30.81
C ARG A 52 -2.62 6.68 30.48
N PRO A 53 -3.35 7.55 29.78
CA PRO A 53 -4.75 7.22 29.47
C PRO A 53 -4.84 6.00 28.61
N LEU A 54 -3.91 5.82 27.65
CA LEU A 54 -4.05 4.67 26.77
C LEU A 54 -3.82 3.37 27.51
N THR A 55 -2.84 3.36 28.39
CA THR A 55 -2.53 2.15 29.15
C THR A 55 -3.70 1.78 30.10
N VAL A 56 -4.21 2.78 30.85
CA VAL A 56 -5.22 2.43 31.83
C VAL A 56 -6.57 2.14 31.20
N ILE A 57 -6.92 2.83 30.09
CA ILE A 57 -8.20 2.53 29.44
C ILE A 57 -8.11 1.18 28.73
N MET A 58 -7.00 0.89 28.03
CA MET A 58 -6.86 -0.43 27.42
C MET A 58 -6.88 -1.55 28.46
N HIS A 59 -6.16 -1.39 29.56
CA HIS A 59 -6.17 -2.42 30.57
C HIS A 59 -7.57 -2.62 31.13
N THR A 60 -8.29 -1.52 31.40
CA THR A 60 -9.66 -1.64 31.93
C THR A 60 -10.55 -2.37 30.94
N ILE A 61 -10.45 -2.01 29.65
CA ILE A 61 -11.29 -2.64 28.65
C ILE A 61 -10.94 -4.11 28.48
N PHE A 62 -9.66 -4.45 28.51
CA PHE A 62 -9.30 -5.86 28.41
C PHE A 62 -9.86 -6.65 29.60
N GLN A 63 -9.85 -6.07 30.80
CA GLN A 63 -10.45 -6.76 31.96
C GLN A 63 -11.95 -6.86 31.79
N GLU A 64 -12.60 -5.78 31.32
CA GLU A 64 -14.06 -5.80 31.20
C GLU A 64 -14.52 -6.86 30.20
N ARG A 65 -13.74 -7.06 29.13
CA ARG A 65 -14.10 -8.03 28.10
C ARG A 65 -13.47 -9.39 28.35
N ASP A 66 -12.79 -9.59 29.49
CA ASP A 66 -12.14 -10.88 29.80
C ASP A 66 -11.10 -11.31 28.77
N LEU A 67 -10.46 -10.33 28.09
CA LEU A 67 -9.54 -10.67 27.03
C LEU A 67 -8.24 -11.29 27.52
N LEU A 68 -7.76 -10.90 28.71
CA LEU A 68 -6.53 -11.53 29.22
C LEU A 68 -6.75 -13.02 29.45
N LYS A 69 -7.90 -13.40 30.03
CA LYS A 69 -8.18 -14.82 30.23
C LYS A 69 -8.42 -15.52 28.91
N THR A 70 -9.19 -14.90 28.00
CA THR A 70 -9.51 -15.57 26.74
C THR A 70 -8.27 -15.88 25.93
N PHE A 71 -7.34 -14.92 25.86
CA PHE A 71 -6.19 -15.04 25.00
C PHE A 71 -4.92 -15.34 25.78
N LYS A 72 -5.06 -15.67 27.07
CA LYS A 72 -3.92 -16.04 27.93
C LYS A 72 -2.82 -14.98 27.85
N ILE A 73 -3.21 -13.71 27.96
CA ILE A 73 -2.27 -12.61 27.87
C ILE A 73 -1.72 -12.34 29.28
N PRO A 74 -0.41 -12.50 29.52
CA PRO A 74 0.09 -12.19 30.86
C PRO A 74 -0.07 -10.71 31.17
N VAL A 75 -0.50 -10.38 32.39
CA VAL A 75 -0.81 -9.00 32.71
C VAL A 75 0.42 -8.12 32.61
N ASP A 76 1.57 -8.62 33.03
CA ASP A 76 2.76 -7.78 32.94
C ASP A 76 3.18 -7.51 31.50
N THR A 77 2.94 -8.46 30.60
CA THR A 77 3.22 -8.28 29.18
C THR A 77 2.25 -7.24 28.60
N LEU A 78 0.96 -7.31 28.95
CA LEU A 78 0.01 -6.31 28.49
C LEU A 78 0.44 -4.92 28.92
N ILE A 79 0.78 -4.76 30.20
CA ILE A 79 1.14 -3.43 30.68
C ILE A 79 2.42 -2.94 30.03
N THR A 80 3.41 -3.82 29.87
CA THR A 80 4.67 -3.43 29.24
C THR A 80 4.45 -2.97 27.81
N TYR A 81 3.70 -3.75 27.02
CA TYR A 81 3.40 -3.34 25.65
C TYR A 81 2.66 -2.02 25.65
N LEU A 82 1.61 -1.90 26.47
CA LEU A 82 0.80 -0.66 26.41
C LEU A 82 1.64 0.55 26.76
N MET A 83 2.53 0.39 27.73
CA MET A 83 3.35 1.55 28.11
C MET A 83 4.29 1.92 27.00
N THR A 84 4.86 0.92 26.32
CA THR A 84 5.75 1.23 25.22
C THR A 84 4.99 1.82 24.03
N LEU A 85 3.81 1.28 23.71
CA LEU A 85 2.99 1.84 22.66
C LEU A 85 2.66 3.27 22.98
N GLU A 86 2.21 3.52 24.23
CA GLU A 86 1.85 4.88 24.63
C GLU A 86 3.03 5.81 24.47
N ASP A 87 4.23 5.35 24.85
CA ASP A 87 5.43 6.17 24.70
C ASP A 87 5.67 6.54 23.25
N HIS A 88 5.25 5.73 22.31
CA HIS A 88 5.50 6.06 20.92
C HIS A 88 4.47 6.98 20.28
N TYR A 89 3.49 7.43 21.05
CA TYR A 89 2.69 8.60 20.63
C TYR A 89 3.46 9.82 21.10
N HIS A 90 3.42 10.88 20.31
CA HIS A 90 4.18 12.08 20.62
C HIS A 90 3.44 12.94 21.64
N ALA A 91 4.07 13.14 22.79
CA ALA A 91 3.47 13.97 23.82
C ALA A 91 3.46 15.45 23.43
N ASP A 92 4.23 15.83 22.41
CA ASP A 92 4.31 17.20 21.93
C ASP A 92 3.42 17.53 20.73
N VAL A 93 2.52 16.64 20.33
CA VAL A 93 1.52 17.00 19.32
C VAL A 93 0.18 17.22 20.02
N ALA A 94 -0.55 18.27 19.61
CA ALA A 94 -1.72 18.63 20.42
C ALA A 94 -2.90 17.71 20.26
N TYR A 95 -3.08 17.08 19.09
CA TYR A 95 -4.27 16.25 18.86
C TYR A 95 -3.90 14.79 18.72
N HIS A 96 -2.95 14.44 17.81
CA HIS A 96 -2.66 13.02 17.51
C HIS A 96 -1.69 12.39 18.51
N ASN A 97 -2.09 12.40 19.76
CA ASN A 97 -1.29 11.92 20.87
C ASN A 97 -2.02 10.73 21.54
N ASN A 98 -1.47 10.30 22.67
CA ASN A 98 -2.00 9.16 23.41
C ASN A 98 -3.43 9.38 23.91
N ILE A 99 -3.85 10.64 24.14
CA ILE A 99 -5.21 10.89 24.58
C ILE A 99 -6.18 10.58 23.42
N HIS A 100 -5.86 11.01 22.18
CA HIS A 100 -6.67 10.64 21.04
C HIS A 100 -6.72 9.12 20.89
N ALA A 101 -5.58 8.41 21.03
CA ALA A 101 -5.61 6.97 20.88
C ALA A 101 -6.53 6.34 21.94
N ALA A 102 -6.40 6.78 23.20
CA ALA A 102 -7.26 6.24 24.25
C ALA A 102 -8.72 6.51 23.97
N ASP A 103 -9.01 7.71 23.43
CA ASP A 103 -10.40 8.06 23.11
C ASP A 103 -10.95 7.17 21.98
N VAL A 104 -10.13 6.90 20.95
CA VAL A 104 -10.62 6.06 19.87
C VAL A 104 -10.82 4.63 20.35
N VAL A 105 -9.89 4.10 21.19
CA VAL A 105 -10.06 2.80 21.80
C VAL A 105 -11.38 2.73 22.55
N GLN A 106 -11.63 3.72 23.40
CA GLN A 106 -12.80 3.61 24.27
C GLN A 106 -14.08 3.76 23.45
N SER A 107 -14.03 4.63 22.45
CA SER A 107 -15.20 4.81 21.60
C SER A 107 -15.52 3.54 20.82
N THR A 108 -14.47 2.89 20.26
CA THR A 108 -14.66 1.60 19.59
C THR A 108 -15.23 0.56 20.54
N HIS A 109 -14.74 0.54 21.77
CA HIS A 109 -15.27 -0.38 22.78
C HIS A 109 -16.77 -0.17 23.01
N VAL A 110 -17.22 1.10 23.07
CA VAL A 110 -18.67 1.35 23.24
C VAL A 110 -19.44 0.92 22.00
N LEU A 111 -18.89 1.26 20.79
CA LEU A 111 -19.60 0.85 19.58
C LEU A 111 -19.72 -0.66 19.45
N LEU A 112 -18.69 -1.41 19.87
CA LEU A 112 -18.72 -2.86 19.79
C LEU A 112 -19.80 -3.46 20.68
N SER A 113 -20.18 -2.76 21.76
CA SER A 113 -21.22 -3.22 22.67
C SER A 113 -22.61 -2.89 22.20
N THR A 114 -22.80 -2.34 21.02
CA THR A 114 -24.14 -1.94 20.60
C THR A 114 -25.07 -3.15 20.44
N PRO A 115 -26.34 -3.04 20.83
CA PRO A 115 -27.25 -4.21 20.76
C PRO A 115 -27.37 -4.85 19.40
N ALA A 116 -27.35 -4.06 18.31
CA ALA A 116 -27.39 -4.61 16.95
C ALA A 116 -26.24 -5.55 16.63
N LEU A 117 -25.14 -5.49 17.41
CA LEU A 117 -23.97 -6.32 17.15
C LEU A 117 -23.74 -7.40 18.23
N GLU A 118 -24.71 -7.64 19.13
CA GLU A 118 -24.51 -8.61 20.18
C GLU A 118 -24.23 -10.00 19.60
N ALA A 119 -23.12 -10.60 20.03
CA ALA A 119 -22.69 -11.94 19.62
C ALA A 119 -22.36 -12.03 18.13
N VAL A 120 -22.20 -10.90 17.45
CA VAL A 120 -21.90 -10.93 16.03
C VAL A 120 -20.41 -11.20 15.79
N PHE A 121 -19.53 -10.53 16.50
CA PHE A 121 -18.10 -10.69 16.26
C PHE A 121 -17.49 -11.72 17.23
N THR A 122 -16.47 -12.42 16.74
CA THR A 122 -15.74 -13.32 17.61
C THR A 122 -14.81 -12.53 18.57
N ASP A 123 -14.29 -13.26 19.56
CA ASP A 123 -13.32 -12.65 20.46
C ASP A 123 -12.09 -12.16 19.71
N LEU A 124 -11.66 -12.88 18.66
CA LEU A 124 -10.48 -12.44 17.90
C LEU A 124 -10.77 -11.17 17.13
N GLU A 125 -11.99 -11.03 16.61
CA GLU A 125 -12.35 -9.81 15.88
C GLU A 125 -12.44 -8.62 16.81
N ILE A 126 -13.02 -8.85 18.01
CA ILE A 126 -13.08 -7.81 19.02
C ILE A 126 -11.67 -7.36 19.39
N LEU A 127 -10.79 -8.36 19.66
CA LEU A 127 -9.40 -8.03 19.96
C LEU A 127 -8.76 -7.24 18.84
N ALA A 128 -9.01 -7.62 17.59
CA ALA A 128 -8.41 -6.90 16.47
C ALA A 128 -8.89 -5.47 16.41
N ALA A 129 -10.19 -5.25 16.59
CA ALA A 129 -10.73 -3.88 16.51
C ALA A 129 -10.18 -2.98 17.62
N ILE A 130 -10.10 -3.53 18.84
CA ILE A 130 -9.56 -2.71 19.93
C ILE A 130 -8.08 -2.47 19.76
N PHE A 131 -7.31 -3.52 19.39
CA PHE A 131 -5.88 -3.31 19.15
C PHE A 131 -5.61 -2.34 18.02
N ALA A 132 -6.36 -2.48 16.91
CA ALA A 132 -6.21 -1.54 15.80
C ALA A 132 -6.44 -0.10 16.28
N SER A 133 -7.51 0.09 17.10
CA SER A 133 -7.78 1.47 17.58
C SER A 133 -6.63 1.99 18.40
N ALA A 134 -6.01 1.11 19.23
CA ALA A 134 -4.92 1.57 20.11
C ALA A 134 -3.70 2.01 19.31
N ILE A 135 -3.38 1.28 18.21
CA ILE A 135 -2.17 1.61 17.47
C ILE A 135 -2.42 2.57 16.33
N HIS A 136 -3.67 2.97 16.08
CA HIS A 136 -4.04 3.47 14.74
C HIS A 136 -3.34 4.75 14.36
N ASP A 137 -2.82 5.53 15.34
CA ASP A 137 -2.13 6.77 15.02
C ASP A 137 -0.74 6.82 15.65
N VAL A 138 -0.16 5.67 16.03
CA VAL A 138 1.10 5.72 16.80
C VAL A 138 2.23 6.35 16.01
N ASP A 139 3.03 7.18 16.70
CA ASP A 139 4.15 7.89 16.08
C ASP A 139 3.68 8.85 15.02
N HIS A 140 2.46 9.39 15.16
CA HIS A 140 1.99 10.45 14.24
C HIS A 140 2.80 11.72 14.47
N PRO A 141 3.37 12.32 13.43
CA PRO A 141 4.20 13.53 13.59
C PRO A 141 3.42 14.83 13.71
N GLY A 142 2.09 14.79 13.62
CA GLY A 142 1.29 16.01 13.71
C GLY A 142 1.12 16.75 12.42
N VAL A 143 1.44 16.13 11.26
CA VAL A 143 1.19 16.74 9.96
C VAL A 143 0.53 15.68 9.09
N SER A 144 -0.14 16.14 8.03
CA SER A 144 -1.00 15.25 7.24
C SER A 144 -0.16 14.45 6.22
N ASN A 145 -0.80 13.44 5.65
CA ASN A 145 -0.20 12.73 4.53
C ASN A 145 0.14 13.67 3.39
N GLN A 146 -0.76 14.57 3.05
CA GLN A 146 -0.43 15.48 1.95
C GLN A 146 0.82 16.30 2.23
N PHE A 147 0.97 16.78 3.48
CA PHE A 147 2.17 17.54 3.80
C PHE A 147 3.40 16.66 3.69
N LEU A 148 3.32 15.42 4.16
CA LEU A 148 4.47 14.52 4.08
C LEU A 148 4.84 14.22 2.62
N ILE A 149 3.83 14.13 1.77
CA ILE A 149 4.09 13.90 0.34
C ILE A 149 4.72 15.11 -0.30
N ASN A 150 4.15 16.29 -0.02
CA ASN A 150 4.54 17.53 -0.70
C ASN A 150 5.90 18.01 -0.25
N THR A 151 6.35 17.63 0.94
CA THR A 151 7.66 17.99 1.45
C THR A 151 8.70 16.91 1.18
N ASN A 152 8.36 15.89 0.41
CA ASN A 152 9.32 14.83 0.05
C ASN A 152 9.93 14.18 1.30
N SER A 153 9.09 13.89 2.28
CA SER A 153 9.56 13.35 3.53
C SER A 153 10.11 11.94 3.34
N GLU A 154 10.92 11.51 4.31
CA GLU A 154 11.37 10.13 4.34
C GLU A 154 10.20 9.15 4.43
N LEU A 155 9.16 9.46 5.19
CA LEU A 155 8.00 8.57 5.29
C LEU A 155 7.30 8.41 3.94
N ALA A 156 7.10 9.52 3.22
CA ALA A 156 6.44 9.39 1.92
C ALA A 156 7.33 8.64 0.92
N LEU A 157 8.66 8.80 1.04
CA LEU A 157 9.58 8.03 0.19
C LEU A 157 9.50 6.55 0.52
N MET A 158 9.44 6.19 1.80
CA MET A 158 9.34 4.80 2.14
C MET A 158 8.03 4.19 1.61
N TYR A 159 6.90 4.91 1.69
CA TYR A 159 5.60 4.32 1.41
C TYR A 159 5.00 4.78 0.08
N ASN A 160 5.77 5.40 -0.80
CA ASN A 160 5.31 5.61 -2.17
C ASN A 160 4.02 6.40 -2.18
N ASP A 161 3.96 7.40 -1.29
CA ASP A 161 2.86 8.37 -1.23
C ASP A 161 1.50 7.74 -0.92
N SER A 162 1.48 6.47 -0.49
CA SER A 162 0.24 5.70 -0.40
C SER A 162 -0.06 5.32 1.05
N SER A 163 -1.13 5.92 1.61
CA SER A 163 -1.49 5.69 3.02
C SER A 163 -0.26 5.80 3.90
N VAL A 164 0.50 6.91 3.73
CA VAL A 164 1.85 7.02 4.29
C VAL A 164 1.82 6.86 5.80
N LEU A 165 1.03 7.73 6.46
CA LEU A 165 0.93 7.67 7.92
C LEU A 165 0.41 6.31 8.38
N GLU A 166 -0.67 5.82 7.76
CA GLU A 166 -1.35 4.64 8.26
C GLU A 166 -0.50 3.39 8.12
N ASN A 167 0.27 3.31 7.02
CA ASN A 167 1.21 2.21 6.95
C ASN A 167 2.25 2.29 8.05
N HIS A 168 2.74 3.51 8.34
CA HIS A 168 3.72 3.70 9.40
C HIS A 168 3.15 3.35 10.80
N HIS A 169 1.90 3.73 11.06
CA HIS A 169 1.31 3.41 12.37
C HIS A 169 1.21 1.92 12.55
N LEU A 170 0.83 1.21 11.49
CA LEU A 170 0.81 -0.26 11.58
C LEU A 170 2.19 -0.85 11.82
N ALA A 171 3.18 -0.38 11.03
CA ALA A 171 4.48 -0.99 11.16
C ALA A 171 5.06 -0.77 12.55
N VAL A 172 4.88 0.43 13.13
CA VAL A 172 5.34 0.68 14.49
C VAL A 172 4.55 -0.15 15.52
N GLY A 173 3.21 -0.16 15.39
CA GLY A 173 2.40 -0.91 16.36
C GLY A 173 2.78 -2.37 16.41
N PHE A 174 3.00 -2.98 15.24
CA PHE A 174 3.42 -4.35 15.20
C PHE A 174 4.86 -4.55 15.61
N LYS A 175 5.78 -3.65 15.20
CA LYS A 175 7.18 -3.83 15.57
C LYS A 175 7.36 -3.82 17.09
N LEU A 176 6.59 -3.00 17.80
CA LEU A 176 6.73 -2.92 19.24
C LEU A 176 6.39 -4.22 19.97
N LEU A 177 5.59 -5.10 19.36
CA LEU A 177 5.32 -6.41 19.97
C LEU A 177 6.59 -7.24 20.12
N GLN A 178 7.66 -6.89 19.41
CA GLN A 178 8.91 -7.62 19.48
C GLN A 178 9.84 -7.14 20.54
N GLU A 179 9.50 -6.06 21.25
CA GLU A 179 10.37 -5.60 22.31
C GLU A 179 10.23 -6.50 23.54
N GLU A 180 11.16 -6.35 24.51
CA GLU A 180 11.23 -7.27 25.65
C GLU A 180 9.90 -7.31 26.39
N ASN A 181 9.32 -8.51 26.51
CA ASN A 181 8.10 -8.71 27.30
C ASN A 181 6.94 -7.85 26.78
N CYS A 182 6.84 -7.75 25.45
CA CYS A 182 5.78 -6.97 24.83
C CYS A 182 4.92 -7.82 23.92
N ASP A 183 5.15 -9.14 23.76
CA ASP A 183 4.33 -9.87 22.77
C ASP A 183 3.04 -10.32 23.44
N ILE A 184 2.04 -9.45 23.37
CA ILE A 184 0.77 -9.71 24.02
C ILE A 184 0.04 -10.85 23.31
N PHE A 185 0.44 -11.19 22.08
CA PHE A 185 -0.19 -12.27 21.31
C PHE A 185 0.59 -13.57 21.41
N GLN A 186 1.45 -13.71 22.40
CA GLN A 186 2.33 -14.88 22.47
C GLN A 186 1.57 -16.19 22.58
N ASN A 187 0.35 -16.19 23.13
CA ASN A 187 -0.40 -17.43 23.36
C ASN A 187 -1.51 -17.66 22.33
N LEU A 188 -1.62 -16.83 21.31
CA LEU A 188 -2.53 -17.11 20.21
C LEU A 188 -1.94 -18.22 19.36
N THR A 189 -2.82 -18.96 18.69
CA THR A 189 -2.33 -19.92 17.71
C THR A 189 -1.78 -19.19 16.48
N LYS A 190 -1.03 -19.92 15.65
CA LYS A 190 -0.50 -19.30 14.44
C LYS A 190 -1.62 -18.79 13.54
N LYS A 191 -2.69 -19.55 13.42
CA LYS A 191 -3.81 -19.13 12.59
C LYS A 191 -4.46 -17.89 13.20
N GLN A 192 -4.58 -17.85 14.53
CA GLN A 192 -5.17 -16.66 15.17
C GLN A 192 -4.31 -15.45 14.93
N ARG A 193 -2.98 -15.60 15.02
CA ARG A 193 -2.10 -14.46 14.82
C ARG A 193 -2.17 -13.99 13.38
N GLN A 194 -2.22 -14.92 12.42
CA GLN A 194 -2.29 -14.52 11.02
C GLN A 194 -3.60 -13.77 10.72
N SER A 195 -4.70 -14.30 11.24
CA SER A 195 -5.98 -13.63 11.01
C SER A 195 -6.01 -12.25 11.68
N LEU A 196 -5.53 -12.17 12.92
CA LEU A 196 -5.54 -10.89 13.64
C LEU A 196 -4.70 -9.87 12.89
N ARG A 197 -3.51 -10.25 12.45
CA ARG A 197 -2.64 -9.33 11.72
C ARG A 197 -3.36 -8.78 10.47
N LYS A 198 -3.99 -9.68 9.69
CA LYS A 198 -4.68 -9.20 8.48
C LYS A 198 -5.82 -8.22 8.83
N MET A 199 -6.60 -8.54 9.88
CA MET A 199 -7.75 -7.70 10.21
C MET A 199 -7.28 -6.35 10.71
N VAL A 200 -6.22 -6.33 11.55
CA VAL A 200 -5.68 -5.06 12.05
C VAL A 200 -5.17 -4.20 10.90
N ILE A 201 -4.45 -4.79 9.93
CA ILE A 201 -4.00 -4.00 8.77
C ILE A 201 -5.20 -3.45 7.98
N ASP A 202 -6.23 -4.29 7.76
CA ASP A 202 -7.34 -3.84 6.97
C ASP A 202 -8.07 -2.73 7.68
N ILE A 203 -8.12 -2.78 9.02
CA ILE A 203 -8.81 -1.71 9.77
C ILE A 203 -8.00 -0.42 9.79
N VAL A 204 -6.72 -0.48 10.11
CA VAL A 204 -5.98 0.79 10.23
C VAL A 204 -5.83 1.44 8.85
N LEU A 205 -5.63 0.64 7.80
CA LEU A 205 -5.47 1.31 6.50
C LEU A 205 -6.75 2.03 6.11
N ALA A 206 -7.91 1.55 6.56
CA ALA A 206 -9.17 2.22 6.28
C ALA A 206 -9.35 3.53 7.02
N THR A 207 -8.46 3.85 7.99
CA THR A 207 -8.58 5.13 8.68
C THR A 207 -7.89 6.27 7.93
N ASP A 208 -7.20 5.96 6.80
CA ASP A 208 -6.64 7.00 5.93
C ASP A 208 -7.78 7.92 5.53
N MET A 209 -7.63 9.23 5.83
CA MET A 209 -8.72 10.14 5.63
C MET A 209 -9.14 10.26 4.16
N SER A 210 -8.20 9.97 3.23
CA SER A 210 -8.54 10.09 1.81
C SER A 210 -9.48 9.00 1.37
N LYS A 211 -9.62 7.92 2.15
CA LYS A 211 -10.57 6.85 1.84
C LYS A 211 -11.99 7.10 2.38
N HIS A 212 -12.26 8.21 3.07
CA HIS A 212 -13.55 8.36 3.74
C HIS A 212 -14.73 8.19 2.77
N MET A 213 -14.68 8.87 1.61
CA MET A 213 -15.85 8.85 0.73
C MET A 213 -16.12 7.45 0.24
N ASN A 214 -15.06 6.71 -0.10
CA ASN A 214 -15.28 5.36 -0.62
C ASN A 214 -15.79 4.47 0.50
N LEU A 215 -15.24 4.66 1.71
CA LEU A 215 -15.69 3.85 2.82
C LEU A 215 -17.16 4.12 3.12
N LEU A 216 -17.59 5.39 3.04
CA LEU A 216 -18.97 5.70 3.37
C LEU A 216 -19.90 5.19 2.29
N ALA A 217 -19.45 5.29 1.04
CA ALA A 217 -20.32 4.83 -0.04
C ALA A 217 -20.60 3.36 0.17
N ASP A 218 -19.58 2.61 0.61
CA ASP A 218 -19.79 1.18 0.79
C ASP A 218 -20.67 0.90 1.99
N LEU A 219 -20.53 1.69 3.07
CA LEU A 219 -21.37 1.51 4.22
C LEU A 219 -22.82 1.78 3.84
N LYS A 220 -23.06 2.85 3.05
CA LYS A 220 -24.43 3.15 2.59
C LYS A 220 -25.02 1.96 1.83
N THR A 221 -24.22 1.34 0.95
CA THR A 221 -24.68 0.14 0.23
C THR A 221 -25.07 -0.95 1.22
N MET A 222 -24.25 -1.14 2.27
CA MET A 222 -24.58 -2.20 3.21
C MET A 222 -25.86 -1.89 3.96
N VAL A 223 -26.10 -0.62 4.33
CA VAL A 223 -27.32 -0.29 5.04
C VAL A 223 -28.51 -0.55 4.13
N GLU A 224 -28.37 -0.19 2.85
CA GLU A 224 -29.48 -0.31 1.92
C GLU A 224 -29.87 -1.76 1.72
N THR A 225 -28.92 -2.68 1.94
CA THR A 225 -29.10 -4.11 1.67
C THR A 225 -29.00 -4.93 2.95
N LYS A 226 -29.22 -4.33 4.12
CA LYS A 226 -28.82 -5.00 5.33
C LYS A 226 -29.75 -6.15 5.67
N LYS A 227 -29.17 -7.19 6.25
CA LYS A 227 -29.90 -8.36 6.70
C LYS A 227 -29.74 -8.47 8.21
N VAL A 228 -30.80 -8.90 8.87
CA VAL A 228 -30.89 -9.00 10.30
C VAL A 228 -31.31 -10.44 10.61
N THR A 229 -30.72 -11.01 11.66
CA THR A 229 -31.08 -12.37 12.04
C THR A 229 -32.40 -12.43 12.81
N SER A 230 -32.85 -13.67 13.05
CA SER A 230 -34.04 -13.85 13.86
C SER A 230 -33.91 -13.25 15.25
N SER A 231 -32.67 -13.09 15.73
CA SER A 231 -32.39 -12.48 17.03
C SER A 231 -32.36 -10.96 16.97
N GLY A 232 -32.48 -10.35 15.78
CA GLY A 232 -32.49 -8.90 15.68
C GLY A 232 -31.14 -8.26 15.45
N VAL A 233 -30.09 -9.05 15.32
CA VAL A 233 -28.73 -8.50 15.16
C VAL A 233 -28.30 -8.55 13.70
N LEU A 234 -27.27 -7.77 13.36
CA LEU A 234 -26.78 -7.73 11.99
C LEU A 234 -26.27 -9.09 11.54
N LEU A 235 -26.67 -9.52 10.34
CA LEU A 235 -26.14 -10.73 9.72
C LEU A 235 -24.91 -10.40 8.86
N LEU A 236 -23.75 -10.93 9.25
CA LEU A 236 -22.49 -10.68 8.53
C LEU A 236 -21.83 -12.04 8.27
N ASP A 237 -22.00 -12.57 7.06
CA ASP A 237 -21.66 -13.98 6.82
C ASP A 237 -20.48 -14.16 5.89
N ASN A 238 -19.63 -13.14 5.77
CA ASN A 238 -18.43 -13.31 4.96
C ASN A 238 -17.44 -12.29 5.48
N TYR A 239 -16.17 -12.51 5.14
CA TYR A 239 -15.11 -11.64 5.66
C TYR A 239 -15.30 -10.21 5.19
N SER A 240 -15.63 -10.01 3.91
CA SER A 240 -15.73 -8.65 3.38
C SER A 240 -16.72 -7.81 4.19
N ASP A 241 -17.91 -8.35 4.48
CA ASP A 241 -18.91 -7.63 5.27
C ASP A 241 -18.44 -7.42 6.71
N ARG A 242 -17.82 -8.44 7.30
CA ARG A 242 -17.41 -8.32 8.70
C ARG A 242 -16.33 -7.27 8.85
N ILE A 243 -15.35 -7.29 7.95
CA ILE A 243 -14.25 -6.34 8.05
C ILE A 243 -14.75 -4.95 7.70
N GLN A 244 -15.72 -4.84 6.77
CA GLN A 244 -16.22 -3.53 6.42
C GLN A 244 -16.90 -2.89 7.62
N VAL A 245 -17.66 -3.68 8.39
CA VAL A 245 -18.28 -3.11 9.57
C VAL A 245 -17.23 -2.67 10.58
N LEU A 246 -16.17 -3.48 10.78
CA LEU A 246 -15.14 -3.07 11.74
C LEU A 246 -14.37 -1.84 11.26
N GLN A 247 -14.09 -1.76 9.95
CA GLN A 247 -13.42 -0.58 9.42
C GLN A 247 -14.25 0.66 9.66
N ASN A 248 -15.56 0.59 9.36
CA ASN A 248 -16.37 1.77 9.58
C ASN A 248 -16.57 2.07 11.04
N MET A 249 -16.57 1.06 11.90
CA MET A 249 -16.70 1.31 13.33
C MET A 249 -15.52 2.12 13.83
N VAL A 250 -14.29 1.72 13.47
CA VAL A 250 -13.11 2.43 13.92
C VAL A 250 -13.02 3.79 13.27
N HIS A 251 -13.46 3.92 12.01
CA HIS A 251 -13.45 5.24 11.37
C HIS A 251 -14.47 6.19 12.05
N CYS A 252 -15.63 5.67 12.48
CA CYS A 252 -16.57 6.46 13.25
C CYS A 252 -15.99 6.88 14.58
N ALA A 253 -15.29 5.93 15.27
CA ALA A 253 -14.64 6.26 16.53
C ALA A 253 -13.60 7.35 16.32
N ASP A 254 -12.85 7.26 15.21
CA ASP A 254 -11.82 8.26 14.88
C ASP A 254 -12.45 9.63 14.63
N LEU A 255 -13.63 9.65 14.02
CA LEU A 255 -14.38 10.88 13.70
C LEU A 255 -15.52 11.09 14.66
N SER A 256 -15.28 10.75 15.93
CA SER A 256 -16.36 10.85 16.91
C SER A 256 -16.35 12.11 17.73
N ASN A 257 -15.34 12.99 17.61
CA ASN A 257 -15.29 14.14 18.54
C ASN A 257 -16.56 14.99 18.54
N PRO A 258 -17.18 15.30 17.39
CA PRO A 258 -18.36 16.17 17.41
C PRO A 258 -19.60 15.49 17.94
N THR A 259 -19.54 14.19 18.24
CA THR A 259 -20.67 13.45 18.81
C THR A 259 -20.56 13.37 20.32
N LYS A 260 -19.52 13.91 20.91
CA LYS A 260 -19.31 13.81 22.34
C LYS A 260 -19.89 15.02 23.04
N PRO A 261 -20.17 14.93 24.34
CA PRO A 261 -20.60 16.11 25.09
C PRO A 261 -19.72 17.32 24.78
N LEU A 262 -20.36 18.49 24.74
CA LEU A 262 -19.70 19.68 24.18
C LEU A 262 -18.40 20.01 24.87
N GLN A 263 -18.29 19.78 26.20
CA GLN A 263 -17.06 20.20 26.85
C GLN A 263 -15.87 19.34 26.38
N LEU A 264 -16.13 18.11 25.98
CA LEU A 264 -15.09 17.28 25.34
C LEU A 264 -14.85 17.71 23.91
N TYR A 265 -15.91 17.86 23.12
CA TYR A 265 -15.79 18.27 21.73
C TYR A 265 -14.95 19.55 21.62
N ARG A 266 -15.26 20.59 22.42
CA ARG A 266 -14.51 21.84 22.29
C ARG A 266 -13.03 21.67 22.58
N GLN A 267 -12.67 20.79 23.51
CA GLN A 267 -11.23 20.57 23.71
C GLN A 267 -10.59 19.90 22.51
N TRP A 268 -11.29 18.93 21.90
CA TRP A 268 -10.78 18.35 20.65
C TRP A 268 -10.64 19.40 19.55
N THR A 269 -11.60 20.34 19.42
CA THR A 269 -11.46 21.38 18.41
C THR A 269 -10.24 22.24 18.69
N ASP A 270 -10.01 22.60 19.95
CA ASP A 270 -8.86 23.44 20.24
C ASP A 270 -7.58 22.72 19.86
N ARG A 271 -7.55 21.40 20.14
CA ARG A 271 -6.35 20.63 19.88
C ARG A 271 -6.09 20.44 18.39
N ILE A 272 -7.11 20.10 17.60
CA ILE A 272 -6.87 19.92 16.16
C ILE A 272 -6.52 21.25 15.52
N MET A 273 -7.12 22.36 15.99
CA MET A 273 -6.80 23.65 15.40
C MET A 273 -5.34 24.00 15.67
N GLU A 274 -4.86 23.69 16.87
CA GLU A 274 -3.45 23.93 17.14
C GLU A 274 -2.55 23.14 16.20
N GLU A 275 -2.84 21.84 16.01
CA GLU A 275 -2.03 21.05 15.11
C GLU A 275 -2.11 21.58 13.67
N PHE A 276 -3.32 21.93 13.21
CA PHE A 276 -3.51 22.50 11.88
C PHE A 276 -2.72 23.79 11.72
N PHE A 277 -2.81 24.69 12.69
CA PHE A 277 -2.12 25.97 12.55
C PHE A 277 -0.61 25.79 12.58
N ARG A 278 -0.08 24.84 13.35
CA ARG A 278 1.35 24.57 13.30
C ARG A 278 1.79 24.00 11.95
N GLN A 279 0.96 23.16 11.33
CA GLN A 279 1.26 22.72 9.96
C GLN A 279 1.21 23.89 8.99
N GLY A 280 0.22 24.76 9.15
CA GLY A 280 0.09 25.90 8.25
C GLY A 280 1.27 26.83 8.38
N ASP A 281 1.80 26.95 9.60
CA ASP A 281 2.97 27.80 9.76
C ASP A 281 4.17 27.21 9.04
N ARG A 282 4.35 25.88 9.07
CA ARG A 282 5.41 25.26 8.29
C ARG A 282 5.17 25.43 6.78
N GLU A 283 3.94 25.24 6.31
CA GLU A 283 3.64 25.46 4.90
C GLU A 283 3.96 26.90 4.47
N ARG A 284 3.53 27.88 5.27
CA ARG A 284 3.75 29.29 4.96
C ARG A 284 5.23 29.55 4.85
N GLU A 285 6.01 29.04 5.81
CA GLU A 285 7.45 29.33 5.82
C GLU A 285 8.15 28.72 4.62
N ARG A 286 7.62 27.63 4.11
CA ARG A 286 8.17 26.95 2.94
C ARG A 286 7.63 27.51 1.64
N GLY A 287 6.80 28.56 1.68
CA GLY A 287 6.23 29.06 0.45
C GLY A 287 5.19 28.14 -0.17
N MET A 288 4.64 27.19 0.59
CA MET A 288 3.60 26.32 0.07
C MET A 288 2.23 26.98 0.25
N GLU A 289 1.29 26.59 -0.60
CA GLU A 289 -0.10 26.95 -0.35
C GLU A 289 -0.53 26.29 0.97
N ILE A 290 -1.19 27.05 1.82
CA ILE A 290 -1.57 26.55 3.14
C ILE A 290 -2.79 25.65 3.00
N SER A 291 -2.77 24.52 3.72
CA SER A 291 -3.85 23.55 3.62
C SER A 291 -5.14 24.13 4.22
N PRO A 292 -6.32 23.65 3.80
CA PRO A 292 -7.57 24.17 4.36
C PRO A 292 -7.55 24.04 5.88
N MET A 293 -8.04 25.08 6.56
CA MET A 293 -8.15 25.21 8.02
C MET A 293 -6.82 25.41 8.72
N CYS A 294 -5.72 25.51 7.99
CA CYS A 294 -4.41 25.58 8.61
C CYS A 294 -3.83 26.99 8.66
N ASP A 295 -4.55 28.00 8.18
CA ASP A 295 -4.01 29.37 8.15
C ASP A 295 -4.59 30.15 9.33
N LYS A 296 -3.79 30.33 10.38
CA LYS A 296 -4.29 31.00 11.59
C LYS A 296 -4.64 32.48 11.35
N HIS A 297 -4.24 33.07 10.23
CA HIS A 297 -4.60 34.44 9.88
C HIS A 297 -5.89 34.54 9.09
N ASN A 298 -6.42 33.43 8.59
CA ASN A 298 -7.61 33.39 7.73
C ASN A 298 -8.43 32.16 8.09
N ALA A 299 -8.76 32.01 9.36
CA ALA A 299 -9.42 30.80 9.82
C ALA A 299 -10.80 31.18 10.32
N SER A 300 -11.78 30.31 10.12
CA SER A 300 -13.04 30.42 10.85
C SER A 300 -13.28 29.10 11.52
N VAL A 301 -12.96 29.03 12.81
CA VAL A 301 -13.04 27.75 13.51
C VAL A 301 -14.48 27.24 13.55
N GLU A 302 -15.42 28.13 13.77
CA GLU A 302 -16.81 27.71 13.95
C GLU A 302 -17.41 27.29 12.63
N LYS A 303 -17.17 28.07 11.57
CA LYS A 303 -17.66 27.65 10.26
C LYS A 303 -17.03 26.34 9.85
N SER A 304 -15.76 26.13 10.19
CA SER A 304 -15.10 24.88 9.84
C SER A 304 -15.69 23.70 10.57
N GLN A 305 -16.09 23.87 11.84
CA GLN A 305 -16.74 22.74 12.50
C GLN A 305 -18.11 22.45 11.91
N VAL A 306 -18.90 23.49 11.60
CA VAL A 306 -20.21 23.24 10.99
C VAL A 306 -20.04 22.53 9.65
N GLY A 307 -19.06 22.95 8.86
CA GLY A 307 -18.83 22.27 7.59
C GLY A 307 -18.36 20.83 7.77
N PHE A 308 -17.46 20.60 8.72
CA PHE A 308 -16.99 19.26 9.03
C PHE A 308 -18.16 18.36 9.40
N ILE A 309 -19.06 18.86 10.24
CA ILE A 309 -20.21 18.04 10.63
C ILE A 309 -21.13 17.80 9.43
N ASP A 310 -21.46 18.86 8.72
CA ASP A 310 -22.47 18.75 7.66
C ASP A 310 -22.00 17.88 6.51
N TYR A 311 -20.70 17.93 6.15
CA TYR A 311 -20.23 17.22 4.97
C TYR A 311 -19.57 15.89 5.27
N ILE A 312 -19.08 15.68 6.49
CA ILE A 312 -18.29 14.48 6.80
C ILE A 312 -18.93 13.73 7.96
N VAL A 313 -19.02 14.38 9.14
CA VAL A 313 -19.29 13.61 10.36
C VAL A 313 -20.76 13.19 10.45
N HIS A 314 -21.69 14.09 10.13
CA HIS A 314 -23.10 13.70 10.17
C HIS A 314 -23.46 12.70 9.06
N PRO A 315 -22.97 12.83 7.81
CA PRO A 315 -23.27 11.78 6.82
C PRO A 315 -22.80 10.42 7.30
N LEU A 316 -21.60 10.36 7.90
CA LEU A 316 -21.05 9.10 8.37
C LEU A 316 -21.88 8.54 9.53
N TRP A 317 -22.12 9.38 10.54
CA TRP A 317 -22.80 8.88 11.73
C TRP A 317 -24.28 8.58 11.50
N GLU A 318 -24.94 9.34 10.61
CA GLU A 318 -26.32 8.99 10.27
C GLU A 318 -26.37 7.64 9.60
N THR A 319 -25.37 7.34 8.76
CA THR A 319 -25.30 6.01 8.13
C THR A 319 -25.02 4.92 9.16
N TRP A 320 -24.03 5.13 10.03
CA TRP A 320 -23.81 4.17 11.11
C TRP A 320 -25.06 3.97 11.94
N ALA A 321 -25.76 5.07 12.30
CA ALA A 321 -26.96 4.93 13.11
C ALA A 321 -28.05 4.17 12.39
N ASP A 322 -28.12 4.30 11.06
CA ASP A 322 -29.06 3.49 10.28
C ASP A 322 -28.67 2.01 10.36
N LEU A 323 -27.37 1.70 10.26
CA LEU A 323 -26.90 0.31 10.34
C LEU A 323 -27.33 -0.36 11.64
N VAL A 324 -27.27 0.37 12.74
CA VAL A 324 -27.51 -0.16 14.07
C VAL A 324 -28.84 0.34 14.68
N HIS A 325 -29.75 0.88 13.87
CA HIS A 325 -30.96 1.54 14.36
C HIS A 325 -31.67 0.67 15.41
N PRO A 326 -32.08 1.21 16.57
CA PRO A 326 -32.01 2.64 16.91
C PRO A 326 -30.91 2.92 17.94
N ASP A 327 -29.93 2.03 18.01
CA ASP A 327 -28.98 2.04 19.11
C ASP A 327 -28.18 3.33 19.25
N ALA A 328 -27.87 3.99 18.14
CA ALA A 328 -26.99 5.17 18.19
C ALA A 328 -27.80 6.46 18.14
N GLN A 329 -29.11 6.40 18.37
CA GLN A 329 -29.90 7.61 18.29
C GLN A 329 -29.41 8.70 19.25
N ASP A 330 -29.01 8.37 20.49
CA ASP A 330 -28.56 9.43 21.39
C ASP A 330 -27.26 10.08 20.92
N ILE A 331 -26.38 9.29 20.30
CA ILE A 331 -25.12 9.82 19.79
C ILE A 331 -25.42 10.79 18.65
N LEU A 332 -26.30 10.39 17.75
CA LEU A 332 -26.65 11.26 16.64
C LEU A 332 -27.32 12.53 17.16
N ASP A 333 -28.17 12.40 18.19
CA ASP A 333 -28.82 13.58 18.76
C ASP A 333 -27.79 14.54 19.32
N THR A 334 -26.74 14.01 19.97
CA THR A 334 -25.71 14.89 20.52
C THR A 334 -24.97 15.59 19.40
N LEU A 335 -24.65 14.86 18.35
CA LEU A 335 -23.99 15.47 17.20
C LEU A 335 -24.82 16.61 16.64
N GLU A 336 -26.12 16.40 16.51
CA GLU A 336 -26.98 17.44 15.95
C GLU A 336 -27.07 18.64 16.86
N ASP A 337 -27.13 18.40 18.19
CA ASP A 337 -27.15 19.51 19.12
C ASP A 337 -25.86 20.30 19.03
N ASN A 338 -24.73 19.61 18.90
CA ASN A 338 -23.44 20.30 18.86
C ASN A 338 -23.26 21.06 17.55
N ARG A 339 -23.82 20.53 16.45
CA ARG A 339 -23.86 21.30 15.21
C ARG A 339 -24.65 22.58 15.40
N GLU A 340 -25.85 22.48 16.01
CA GLU A 340 -26.65 23.67 16.27
C GLU A 340 -25.89 24.68 17.13
N TRP A 341 -25.17 24.19 18.14
CA TRP A 341 -24.42 25.11 19.00
C TRP A 341 -23.33 25.85 18.21
N TYR A 342 -22.48 25.13 17.49
CA TYR A 342 -21.44 25.82 16.72
C TYR A 342 -22.05 26.78 15.71
N GLN A 343 -23.13 26.37 15.04
CA GLN A 343 -23.79 27.26 14.09
C GLN A 343 -24.26 28.51 14.79
N SER A 344 -24.78 28.38 16.02
CA SER A 344 -25.33 29.54 16.72
C SER A 344 -24.26 30.55 17.06
N THR A 345 -22.99 30.12 17.06
CA THR A 345 -21.91 31.08 17.32
C THR A 345 -21.51 31.87 16.09
N ILE A 346 -21.89 31.43 14.89
CA ILE A 346 -21.49 32.14 13.69
C ILE A 346 -22.10 33.54 13.57
N PRO A 347 -23.45 33.74 13.53
CA PRO A 347 -24.06 35.07 13.25
C PRO A 347 -23.62 36.19 14.20
N GLN B 24 36.50 -4.04 -26.52
CA GLN B 24 35.45 -4.77 -27.23
C GLN B 24 34.15 -3.96 -27.28
N GLU B 25 34.29 -2.64 -27.44
CA GLU B 25 33.13 -1.79 -27.60
C GLU B 25 32.53 -1.89 -28.99
N ASP B 26 33.29 -2.39 -29.97
CA ASP B 26 32.77 -2.51 -31.33
C ASP B 26 31.71 -3.60 -31.41
N VAL B 27 32.02 -4.77 -30.86
CA VAL B 27 31.04 -5.86 -30.83
C VAL B 27 29.84 -5.45 -29.97
N LEU B 28 30.10 -4.72 -28.89
CA LEU B 28 28.99 -4.26 -28.05
C LEU B 28 28.10 -3.27 -28.79
N ALA B 29 28.71 -2.35 -29.56
CA ALA B 29 27.91 -1.42 -30.35
C ALA B 29 27.08 -2.17 -31.39
N LYS B 30 27.69 -3.17 -32.03
CA LYS B 30 26.94 -3.96 -33.00
C LYS B 30 25.74 -4.62 -32.33
N GLU B 31 25.96 -5.25 -31.17
CA GLU B 31 24.85 -5.89 -30.47
C GLU B 31 23.78 -4.87 -30.11
N LEU B 32 24.21 -3.65 -29.73
CA LEU B 32 23.27 -2.62 -29.30
C LEU B 32 22.49 -2.00 -30.46
N GLU B 33 22.93 -2.24 -31.70
CA GLU B 33 22.14 -1.80 -32.85
C GLU B 33 20.79 -2.52 -32.96
N ASP B 34 20.62 -3.63 -32.24
CA ASP B 34 19.37 -4.39 -32.22
C ASP B 34 18.42 -3.93 -31.12
N VAL B 35 18.70 -2.77 -30.50
CA VAL B 35 17.94 -2.32 -29.34
C VAL B 35 16.46 -2.18 -29.64
N ASN B 36 16.09 -2.03 -30.91
CA ASN B 36 14.69 -1.87 -31.26
C ASN B 36 14.02 -3.17 -31.64
N LYS B 37 14.68 -4.30 -31.48
CA LYS B 37 14.16 -5.59 -31.92
C LYS B 37 13.85 -6.51 -30.75
N TRP B 38 12.74 -7.22 -30.89
CA TRP B 38 12.44 -8.31 -29.98
C TRP B 38 13.48 -9.40 -30.16
N GLY B 39 14.21 -9.73 -29.10
CA GLY B 39 15.24 -10.76 -29.22
C GLY B 39 16.66 -10.26 -29.13
N LEU B 40 16.87 -9.02 -28.69
CA LEU B 40 18.19 -8.50 -28.38
C LEU B 40 19.01 -9.51 -27.61
N HIS B 41 20.30 -9.64 -27.96
CA HIS B 41 21.18 -10.59 -27.28
C HIS B 41 21.63 -10.01 -25.94
N VAL B 42 20.69 -10.00 -24.97
CA VAL B 42 20.94 -9.27 -23.73
C VAL B 42 22.00 -9.94 -22.88
N PHE B 43 22.16 -11.26 -22.97
CA PHE B 43 23.20 -11.90 -22.17
C PHE B 43 24.59 -11.59 -22.74
N ARG B 44 24.71 -11.60 -24.07
CA ARG B 44 25.96 -11.17 -24.72
C ARG B 44 26.29 -9.75 -24.30
N ILE B 45 25.29 -8.85 -24.33
CA ILE B 45 25.51 -7.47 -23.91
C ILE B 45 25.97 -7.41 -22.46
N ALA B 46 25.35 -8.22 -21.59
CA ALA B 46 25.79 -8.24 -20.20
C ALA B 46 27.27 -8.62 -20.10
N GLU B 47 27.69 -9.62 -20.88
CA GLU B 47 29.09 -10.03 -20.86
C GLU B 47 30.00 -8.93 -21.41
N LEU B 48 29.69 -8.42 -22.59
CA LEU B 48 30.56 -7.46 -23.27
C LEU B 48 30.65 -6.11 -22.57
N SER B 49 29.64 -5.74 -21.78
CA SER B 49 29.66 -4.46 -21.07
C SER B 49 30.28 -4.57 -19.69
N GLY B 50 30.93 -5.68 -19.35
CA GLY B 50 31.43 -5.85 -18.00
C GLY B 50 30.36 -5.94 -16.94
N ASN B 51 29.25 -6.62 -17.23
CA ASN B 51 28.11 -6.75 -16.33
C ASN B 51 27.42 -5.40 -16.07
N ARG B 52 27.29 -4.61 -17.11
CA ARG B 52 26.53 -3.36 -17.04
C ARG B 52 25.44 -3.31 -18.11
N PRO B 53 24.65 -4.38 -18.29
CA PRO B 53 23.62 -4.30 -19.35
C PRO B 53 22.61 -3.20 -19.04
N LEU B 54 22.20 -3.04 -17.77
CA LEU B 54 21.17 -2.06 -17.46
C LEU B 54 21.65 -0.65 -17.84
N THR B 55 22.89 -0.34 -17.48
CA THR B 55 23.40 0.99 -17.82
C THR B 55 23.50 1.20 -19.35
N VAL B 56 24.09 0.25 -20.07
CA VAL B 56 24.32 0.49 -21.48
C VAL B 56 23.01 0.45 -22.28
N ILE B 57 22.07 -0.42 -21.88
CA ILE B 57 20.81 -0.50 -22.63
C ILE B 57 19.94 0.73 -22.34
N MET B 58 19.88 1.16 -21.07
CA MET B 58 19.14 2.38 -20.73
C MET B 58 19.71 3.58 -21.46
N HIS B 59 21.04 3.70 -21.48
CA HIS B 59 21.64 4.82 -22.18
C HIS B 59 21.29 4.80 -23.66
N THR B 60 21.37 3.62 -24.27
CA THR B 60 21.07 3.51 -25.70
C THR B 60 19.63 3.90 -25.97
N ILE B 61 18.71 3.45 -25.12
CA ILE B 61 17.30 3.73 -25.33
C ILE B 61 17.02 5.20 -25.15
N PHE B 62 17.65 5.81 -24.14
CA PHE B 62 17.43 7.22 -23.91
C PHE B 62 17.91 8.02 -25.12
N GLN B 63 18.99 7.60 -25.76
CA GLN B 63 19.45 8.28 -26.98
C GLN B 63 18.51 8.03 -28.15
N GLU B 64 18.11 6.78 -28.36
CA GLU B 64 17.20 6.42 -29.43
C GLU B 64 15.88 7.17 -29.36
N ARG B 65 15.40 7.46 -28.16
CA ARG B 65 14.16 8.18 -27.99
C ARG B 65 14.36 9.68 -27.75
N ASP B 66 15.60 10.15 -27.84
CA ASP B 66 15.92 11.57 -27.64
C ASP B 66 15.48 12.08 -26.27
N LEU B 67 15.53 11.22 -25.26
CA LEU B 67 15.00 11.58 -23.95
C LEU B 67 15.94 12.50 -23.19
N LEU B 68 17.26 12.41 -23.42
CA LEU B 68 18.16 13.32 -22.72
C LEU B 68 17.91 14.78 -23.16
N LYS B 69 17.70 15.00 -24.44
CA LYS B 69 17.44 16.37 -24.90
C LYS B 69 16.07 16.84 -24.47
N THR B 70 15.06 15.96 -24.60
CA THR B 70 13.69 16.33 -24.28
C THR B 70 13.54 16.73 -22.83
N PHE B 71 14.18 15.98 -21.93
CA PHE B 71 14.05 16.28 -20.51
C PHE B 71 15.29 16.91 -19.90
N LYS B 72 16.22 17.38 -20.74
CA LYS B 72 17.42 18.10 -20.26
C LYS B 72 18.14 17.32 -19.17
N ILE B 73 18.40 16.04 -19.46
CA ILE B 73 19.08 15.15 -18.53
C ILE B 73 20.57 15.21 -18.83
N PRO B 74 21.40 15.67 -17.89
CA PRO B 74 22.85 15.67 -18.13
C PRO B 74 23.37 14.24 -18.23
N VAL B 75 24.20 13.98 -19.25
CA VAL B 75 24.58 12.59 -19.56
C VAL B 75 25.36 11.98 -18.41
N ASP B 76 26.20 12.76 -17.74
CA ASP B 76 26.95 12.25 -16.59
C ASP B 76 26.01 11.88 -15.45
N THR B 77 24.96 12.68 -15.22
CA THR B 77 23.99 12.34 -14.20
C THR B 77 23.27 11.06 -14.57
N LEU B 78 22.89 10.93 -15.84
CA LEU B 78 22.24 9.69 -16.27
C LEU B 78 23.11 8.48 -15.97
N ILE B 79 24.38 8.53 -16.37
CA ILE B 79 25.26 7.38 -16.17
C ILE B 79 25.51 7.11 -14.70
N THR B 80 25.75 8.15 -13.89
CA THR B 80 25.98 7.96 -12.46
C THR B 80 24.77 7.28 -11.80
N TYR B 81 23.56 7.79 -12.09
CA TYR B 81 22.36 7.15 -11.57
C TYR B 81 22.24 5.71 -12.04
N LEU B 82 22.43 5.49 -13.35
CA LEU B 82 22.24 4.13 -13.86
C LEU B 82 23.22 3.16 -13.22
N MET B 83 24.47 3.58 -13.04
CA MET B 83 25.44 2.67 -12.44
C MET B 83 25.10 2.37 -10.99
N THR B 84 24.64 3.40 -10.23
CA THR B 84 24.27 3.20 -8.83
C THR B 84 23.05 2.26 -8.70
N LEU B 85 22.05 2.50 -9.57
CA LEU B 85 20.85 1.65 -9.58
C LEU B 85 21.23 0.21 -9.91
N GLU B 86 22.07 0.03 -10.95
CA GLU B 86 22.52 -1.29 -11.35
C GLU B 86 23.24 -1.97 -10.18
N ASP B 87 24.03 -1.20 -9.42
CA ASP B 87 24.73 -1.79 -8.28
C ASP B 87 23.80 -2.30 -7.22
N HIS B 88 22.54 -1.83 -7.17
CA HIS B 88 21.58 -2.27 -6.17
C HIS B 88 20.73 -3.45 -6.63
N TYR B 89 20.96 -3.95 -7.83
CA TYR B 89 20.55 -5.32 -8.15
C TYR B 89 21.60 -6.29 -7.61
N HIS B 90 21.14 -7.41 -7.05
CA HIS B 90 22.08 -8.35 -6.44
C HIS B 90 22.76 -9.22 -7.49
N ALA B 91 24.09 -9.33 -7.41
CA ALA B 91 24.82 -10.14 -8.36
C ALA B 91 24.73 -11.65 -8.08
N ASP B 92 24.28 -12.04 -6.90
CA ASP B 92 24.16 -13.45 -6.52
C ASP B 92 22.72 -13.96 -6.55
N VAL B 93 21.80 -13.27 -7.24
CA VAL B 93 20.45 -13.75 -7.47
C VAL B 93 20.41 -14.11 -8.95
N ALA B 94 20.01 -15.36 -9.27
CA ALA B 94 20.17 -15.84 -10.64
C ALA B 94 19.22 -15.21 -11.65
N TYR B 95 18.02 -14.81 -11.20
CA TYR B 95 17.04 -14.25 -12.11
C TYR B 95 16.81 -12.76 -11.88
N HIS B 96 16.45 -12.36 -10.67
CA HIS B 96 16.05 -10.97 -10.38
C HIS B 96 17.26 -10.09 -10.18
N ASN B 97 18.03 -9.97 -11.24
CA ASN B 97 19.25 -9.19 -11.20
C ASN B 97 19.19 -8.13 -12.30
N ASN B 98 20.33 -7.47 -12.50
CA ASN B 98 20.42 -6.39 -13.47
C ASN B 98 20.16 -6.83 -14.92
N ILE B 99 20.41 -8.10 -15.28
CA ILE B 99 20.10 -8.57 -16.63
C ILE B 99 18.61 -8.59 -16.86
N HIS B 100 17.85 -9.08 -15.87
CA HIS B 100 16.40 -9.03 -15.96
C HIS B 100 15.91 -7.61 -16.05
N ALA B 101 16.44 -6.71 -15.22
CA ALA B 101 16.03 -5.31 -15.35
C ALA B 101 16.28 -4.77 -16.74
N ALA B 102 17.47 -5.04 -17.29
CA ALA B 102 17.77 -4.55 -18.62
C ALA B 102 16.82 -5.14 -19.68
N ASP B 103 16.52 -6.41 -19.55
CA ASP B 103 15.61 -7.07 -20.48
C ASP B 103 14.21 -6.46 -20.41
N VAL B 104 13.71 -6.18 -19.20
CA VAL B 104 12.38 -5.59 -19.08
C VAL B 104 12.35 -4.19 -19.66
N VAL B 105 13.39 -3.40 -19.39
CA VAL B 105 13.53 -2.08 -20.01
C VAL B 105 13.44 -2.19 -21.51
N GLN B 106 14.23 -3.09 -22.11
CA GLN B 106 14.30 -3.11 -23.56
C GLN B 106 13.01 -3.66 -24.15
N SER B 107 12.38 -4.62 -23.49
CA SER B 107 11.10 -5.14 -23.95
C SER B 107 10.00 -4.06 -23.89
N THR B 108 9.92 -3.30 -22.79
CA THR B 108 9.01 -2.14 -22.71
C THR B 108 9.30 -1.16 -23.84
N HIS B 109 10.57 -0.88 -24.09
CA HIS B 109 10.91 0.04 -25.16
C HIS B 109 10.36 -0.45 -26.50
N VAL B 110 10.46 -1.75 -26.80
CA VAL B 110 9.87 -2.23 -28.04
C VAL B 110 8.34 -2.12 -28.03
N LEU B 111 7.70 -2.50 -26.94
CA LEU B 111 6.24 -2.44 -26.89
C LEU B 111 5.72 -1.01 -27.04
N LEU B 112 6.45 -0.05 -26.50
CA LEU B 112 6.01 1.35 -26.65
C LEU B 112 5.95 1.77 -28.11
N SER B 113 6.68 1.09 -28.99
CA SER B 113 6.69 1.37 -30.43
C SER B 113 5.68 0.57 -31.22
N THR B 114 4.77 -0.16 -30.58
CA THR B 114 3.76 -0.91 -31.31
C THR B 114 2.96 0.05 -32.20
N PRO B 115 2.82 -0.22 -33.51
CA PRO B 115 2.06 0.73 -34.35
C PRO B 115 0.69 1.08 -33.81
N ALA B 116 -0.04 0.11 -33.24
CA ALA B 116 -1.38 0.40 -32.73
C ALA B 116 -1.35 1.39 -31.57
N LEU B 117 -0.18 1.62 -30.97
CA LEU B 117 -0.07 2.55 -29.85
C LEU B 117 0.55 3.87 -30.26
N GLU B 118 0.74 4.09 -31.56
CA GLU B 118 1.36 5.33 -32.03
C GLU B 118 0.47 6.51 -31.65
N ALA B 119 1.06 7.55 -31.05
CA ALA B 119 0.39 8.77 -30.59
C ALA B 119 -0.45 8.58 -29.32
N VAL B 120 -0.42 7.41 -28.70
CA VAL B 120 -1.20 7.27 -27.49
C VAL B 120 -0.52 7.96 -26.32
N PHE B 121 0.80 7.78 -26.18
CA PHE B 121 1.48 8.15 -24.94
C PHE B 121 2.32 9.40 -25.11
N THR B 122 2.25 10.26 -24.08
CA THR B 122 3.07 11.47 -24.04
C THR B 122 4.51 11.10 -23.72
N ASP B 123 5.42 12.06 -23.93
CA ASP B 123 6.84 11.81 -23.66
C ASP B 123 7.08 11.51 -22.18
N LEU B 124 6.37 12.20 -21.29
CA LEU B 124 6.46 11.90 -19.86
C LEU B 124 5.95 10.49 -19.53
N GLU B 125 4.93 10.03 -20.26
CA GLU B 125 4.41 8.68 -20.02
C GLU B 125 5.40 7.65 -20.50
N ILE B 126 6.08 7.92 -21.61
CA ILE B 126 7.15 7.05 -22.14
C ILE B 126 8.31 6.98 -21.15
N LEU B 127 8.80 8.14 -20.72
CA LEU B 127 9.82 8.22 -19.67
C LEU B 127 9.42 7.42 -18.44
N ALA B 128 8.16 7.54 -17.99
CA ALA B 128 7.73 6.85 -16.78
C ALA B 128 7.74 5.35 -16.98
N ALA B 129 7.29 4.87 -18.14
CA ALA B 129 7.27 3.43 -18.37
C ALA B 129 8.69 2.85 -18.43
N ILE B 130 9.64 3.60 -18.96
CA ILE B 130 11.01 3.08 -19.11
C ILE B 130 11.74 3.13 -17.76
N PHE B 131 11.59 4.24 -17.03
CA PHE B 131 12.20 4.36 -15.71
C PHE B 131 11.61 3.32 -14.75
N ALA B 132 10.29 3.14 -14.80
CA ALA B 132 9.65 2.11 -13.98
C ALA B 132 10.23 0.75 -14.29
N SER B 133 10.42 0.44 -15.58
CA SER B 133 10.98 -0.87 -15.92
C SER B 133 12.38 -1.03 -15.36
N ALA B 134 13.18 0.04 -15.37
CA ALA B 134 14.56 -0.04 -14.92
C ALA B 134 14.64 -0.33 -13.44
N ILE B 135 13.77 0.29 -12.65
CA ILE B 135 13.82 0.15 -11.21
C ILE B 135 12.93 -0.98 -10.67
N HIS B 136 12.21 -1.68 -11.53
CA HIS B 136 11.03 -2.41 -11.06
C HIS B 136 11.33 -3.57 -10.14
N ASP B 137 12.58 -4.08 -10.14
CA ASP B 137 12.98 -5.19 -9.27
C ASP B 137 14.21 -4.86 -8.45
N VAL B 138 14.55 -3.58 -8.27
CA VAL B 138 15.86 -3.26 -7.67
C VAL B 138 15.91 -3.72 -6.21
N ASP B 139 17.07 -4.26 -5.81
CA ASP B 139 17.27 -4.76 -4.45
C ASP B 139 16.43 -5.98 -4.14
N HIS B 140 16.07 -6.73 -5.17
CA HIS B 140 15.31 -7.93 -4.97
C HIS B 140 16.18 -8.98 -4.26
N PRO B 141 15.69 -9.60 -3.19
CA PRO B 141 16.51 -10.57 -2.43
C PRO B 141 16.44 -11.97 -2.98
N GLY B 142 15.67 -12.21 -4.05
CA GLY B 142 15.65 -13.55 -4.60
C GLY B 142 14.62 -14.47 -3.98
N VAL B 143 13.70 -13.94 -3.16
CA VAL B 143 12.59 -14.71 -2.63
C VAL B 143 11.29 -13.95 -2.84
N SER B 144 10.17 -14.69 -2.77
CA SER B 144 8.88 -14.15 -3.12
C SER B 144 8.25 -13.30 -1.99
N ASN B 145 7.21 -12.55 -2.36
CA ASN B 145 6.42 -11.83 -1.34
C ASN B 145 5.88 -12.80 -0.30
N GLN B 146 5.35 -13.97 -0.73
CA GLN B 146 4.82 -14.91 0.25
C GLN B 146 5.89 -15.39 1.23
N PHE B 147 7.11 -15.68 0.75
CA PHE B 147 8.20 -16.03 1.61
C PHE B 147 8.48 -14.91 2.60
N LEU B 148 8.51 -13.67 2.11
CA LEU B 148 8.80 -12.55 3.01
C LEU B 148 7.71 -12.39 4.07
N ILE B 149 6.47 -12.66 3.70
CA ILE B 149 5.35 -12.56 4.65
C ILE B 149 5.42 -13.68 5.66
N ASN B 150 5.63 -14.89 5.18
CA ASN B 150 5.53 -16.06 6.06
C ASN B 150 6.75 -16.25 6.96
N THR B 151 7.86 -15.59 6.69
CA THR B 151 9.03 -15.58 7.51
C THR B 151 9.09 -14.39 8.45
N ASN B 152 8.04 -13.57 8.47
CA ASN B 152 7.98 -12.39 9.35
C ASN B 152 9.19 -11.48 9.12
N SER B 153 9.51 -11.25 7.85
CA SER B 153 10.68 -10.47 7.48
C SER B 153 10.49 -8.99 7.85
N GLU B 154 11.61 -8.27 7.94
CA GLU B 154 11.56 -6.85 8.16
C GLU B 154 10.85 -6.15 7.02
N LEU B 155 11.02 -6.61 5.76
CA LEU B 155 10.34 -5.99 4.67
C LEU B 155 8.83 -6.12 4.78
N ALA B 156 8.33 -7.30 5.17
CA ALA B 156 6.90 -7.47 5.30
C ALA B 156 6.34 -6.71 6.49
N LEU B 157 7.17 -6.56 7.53
CA LEU B 157 6.74 -5.73 8.69
C LEU B 157 6.66 -4.27 8.28
N MET B 158 7.62 -3.78 7.49
CA MET B 158 7.54 -2.41 7.02
C MET B 158 6.30 -2.16 6.17
N TYR B 159 5.96 -3.11 5.27
CA TYR B 159 4.96 -2.85 4.24
C TYR B 159 3.63 -3.56 4.47
N ASN B 160 3.48 -4.11 5.68
CA ASN B 160 2.13 -4.60 6.07
C ASN B 160 1.63 -5.68 5.13
N ASP B 161 2.57 -6.52 4.71
CA ASP B 161 2.27 -7.68 3.85
C ASP B 161 1.71 -7.34 2.48
N SER B 162 1.72 -6.09 2.03
CA SER B 162 0.99 -5.65 0.85
C SER B 162 2.03 -5.19 -0.18
N SER B 163 2.10 -5.90 -1.32
CA SER B 163 3.08 -5.57 -2.38
C SER B 163 4.46 -5.30 -1.77
N VAL B 164 4.94 -6.24 -0.95
CA VAL B 164 6.12 -5.93 -0.12
C VAL B 164 7.32 -5.61 -0.99
N LEU B 165 7.64 -6.53 -1.91
CA LEU B 165 8.80 -6.33 -2.78
C LEU B 165 8.64 -5.08 -3.61
N GLU B 166 7.46 -4.87 -4.21
CA GLU B 166 7.27 -3.79 -5.19
C GLU B 166 7.34 -2.41 -4.53
N ASN B 167 6.79 -2.30 -3.29
CA ASN B 167 6.98 -1.05 -2.57
C ASN B 167 8.45 -0.80 -2.29
N HIS B 168 9.19 -1.86 -1.92
CA HIS B 168 10.62 -1.70 -1.66
C HIS B 168 11.40 -1.30 -2.93
N HIS B 169 11.07 -1.93 -4.10
CA HIS B 169 11.79 -1.56 -5.32
C HIS B 169 11.59 -0.09 -5.63
N LEU B 170 10.34 0.39 -5.50
CA LEU B 170 10.09 1.80 -5.74
C LEU B 170 10.86 2.69 -4.76
N ALA B 171 10.82 2.34 -3.45
CA ALA B 171 11.47 3.21 -2.47
C ALA B 171 12.97 3.30 -2.75
N VAL B 172 13.60 2.18 -3.07
CA VAL B 172 15.04 2.21 -3.40
C VAL B 172 15.28 2.99 -4.67
N GLY B 173 14.50 2.70 -5.73
CA GLY B 173 14.71 3.39 -7.02
C GLY B 173 14.63 4.91 -6.91
N PHE B 174 13.66 5.41 -6.12
CA PHE B 174 13.55 6.85 -5.93
C PHE B 174 14.60 7.36 -4.97
N LYS B 175 14.93 6.58 -3.91
CA LYS B 175 15.91 7.10 -2.94
C LYS B 175 17.26 7.30 -3.60
N LEU B 176 17.59 6.45 -4.58
CA LEU B 176 18.89 6.61 -5.21
C LEU B 176 19.03 7.89 -6.05
N LEU B 177 17.92 8.53 -6.45
CA LEU B 177 18.01 9.81 -7.13
C LEU B 177 18.64 10.87 -6.25
N GLN B 178 18.64 10.66 -4.94
CA GLN B 178 19.18 11.64 -3.98
C GLN B 178 20.67 11.47 -3.76
N GLU B 179 21.30 10.45 -4.35
CA GLU B 179 22.74 10.36 -4.23
C GLU B 179 23.42 11.45 -5.05
N GLU B 180 24.69 11.71 -4.75
CA GLU B 180 25.41 12.78 -5.43
C GLU B 180 25.42 12.59 -6.96
N ASN B 181 25.00 13.63 -7.68
CA ASN B 181 24.97 13.61 -9.15
C ASN B 181 24.12 12.48 -9.71
N CYS B 182 23.00 12.16 -9.02
CA CYS B 182 22.09 11.10 -9.44
C CYS B 182 20.70 11.61 -9.83
N ASP B 183 20.41 12.91 -9.71
CA ASP B 183 19.02 13.34 -9.92
C ASP B 183 18.76 13.57 -11.39
N ILE B 184 18.46 12.49 -12.11
CA ILE B 184 18.25 12.60 -13.54
C ILE B 184 17.05 13.47 -13.88
N PHE B 185 16.15 13.70 -12.92
CA PHE B 185 14.96 14.51 -13.13
C PHE B 185 15.12 15.96 -12.69
N GLN B 186 16.36 16.40 -12.47
CA GLN B 186 16.59 17.73 -11.90
C GLN B 186 16.01 18.85 -12.74
N ASN B 187 15.87 18.65 -14.06
CA ASN B 187 15.40 19.73 -14.93
C ASN B 187 13.96 19.54 -15.37
N LEU B 188 13.27 18.54 -14.83
CA LEU B 188 11.84 18.46 -15.01
C LEU B 188 11.18 19.54 -14.19
N THR B 189 10.05 20.04 -14.71
CA THR B 189 9.28 20.95 -13.89
C THR B 189 8.67 20.24 -12.67
N LYS B 190 8.14 21.05 -11.77
CA LYS B 190 7.58 20.49 -10.55
C LYS B 190 6.37 19.59 -10.86
N LYS B 191 5.49 20.05 -11.76
CA LYS B 191 4.33 19.25 -12.15
C LYS B 191 4.77 17.98 -12.88
N GLN B 192 5.78 18.10 -13.74
CA GLN B 192 6.32 16.93 -14.42
C GLN B 192 6.84 15.90 -13.42
N ARG B 193 7.57 16.35 -12.40
CA ARG B 193 8.11 15.39 -11.42
C ARG B 193 7.02 14.70 -10.63
N GLN B 194 6.00 15.46 -10.20
CA GLN B 194 4.88 14.88 -9.49
C GLN B 194 4.14 13.83 -10.33
N SER B 195 3.87 14.18 -11.59
CA SER B 195 3.15 13.28 -12.47
C SER B 195 3.97 12.03 -12.72
N LEU B 196 5.25 12.20 -13.07
CA LEU B 196 6.14 11.05 -13.30
C LEU B 196 6.16 10.13 -12.08
N ARG B 197 6.33 10.69 -10.88
CA ARG B 197 6.41 9.86 -9.70
C ARG B 197 5.14 9.02 -9.55
N LYS B 198 3.97 9.66 -9.72
CA LYS B 198 2.71 8.92 -9.54
C LYS B 198 2.63 7.79 -10.57
N MET B 199 2.92 8.10 -11.83
CA MET B 199 2.85 7.07 -12.88
C MET B 199 3.81 5.91 -12.61
N VAL B 200 5.04 6.23 -12.20
CA VAL B 200 6.02 5.16 -11.91
C VAL B 200 5.53 4.25 -10.78
N ILE B 201 5.01 4.85 -9.69
CA ILE B 201 4.45 4.08 -8.59
C ILE B 201 3.30 3.17 -9.07
N ASP B 202 2.38 3.77 -9.83
CA ASP B 202 1.23 3.00 -10.33
C ASP B 202 1.71 1.80 -11.17
N ILE B 203 2.72 2.03 -12.00
CA ILE B 203 3.23 0.93 -12.84
C ILE B 203 3.95 -0.15 -12.03
N VAL B 204 4.89 0.25 -11.16
CA VAL B 204 5.67 -0.77 -10.46
C VAL B 204 4.80 -1.55 -9.50
N LEU B 205 3.84 -0.89 -8.82
CA LEU B 205 3.02 -1.67 -7.90
C LEU B 205 2.17 -2.67 -8.65
N ALA B 206 1.84 -2.34 -9.91
CA ALA B 206 1.09 -3.29 -10.73
C ALA B 206 1.90 -4.50 -11.17
N THR B 207 3.22 -4.45 -11.00
CA THR B 207 4.00 -5.65 -11.34
C THR B 207 3.98 -6.75 -10.29
N ASP B 208 3.36 -6.50 -9.12
CA ASP B 208 3.16 -7.53 -8.11
C ASP B 208 2.43 -8.72 -8.75
N MET B 209 3.07 -9.89 -8.68
CA MET B 209 2.55 -11.02 -9.43
C MET B 209 1.16 -11.43 -8.98
N SER B 210 0.82 -11.11 -7.72
CA SER B 210 -0.51 -11.51 -7.24
C SER B 210 -1.61 -10.71 -7.88
N LYS B 211 -1.28 -9.63 -8.58
CA LYS B 211 -2.27 -8.80 -9.23
C LYS B 211 -2.53 -9.22 -10.66
N HIS B 212 -1.86 -10.29 -11.12
CA HIS B 212 -1.96 -10.68 -12.53
C HIS B 212 -3.40 -10.76 -13.04
N MET B 213 -4.26 -11.50 -12.34
CA MET B 213 -5.61 -11.69 -12.87
C MET B 213 -6.35 -10.37 -12.95
N ASN B 214 -6.19 -9.51 -11.93
CA ASN B 214 -6.88 -8.22 -11.97
C ASN B 214 -6.43 -7.41 -13.17
N LEU B 215 -5.11 -7.39 -13.45
CA LEU B 215 -4.64 -6.60 -14.58
C LEU B 215 -5.19 -7.19 -15.86
N LEU B 216 -5.20 -8.53 -15.97
CA LEU B 216 -5.65 -9.15 -17.20
C LEU B 216 -7.11 -8.83 -17.43
N ALA B 217 -7.87 -8.77 -16.32
CA ALA B 217 -9.29 -8.43 -16.45
C ALA B 217 -9.42 -7.03 -17.03
N ASP B 218 -8.63 -6.09 -16.50
CA ASP B 218 -8.70 -4.70 -16.99
C ASP B 218 -8.39 -4.70 -18.48
N LEU B 219 -7.39 -5.49 -18.86
CA LEU B 219 -6.95 -5.48 -20.23
C LEU B 219 -8.04 -6.05 -21.11
N LYS B 220 -8.70 -7.13 -20.66
CA LYS B 220 -9.76 -7.71 -21.48
C LYS B 220 -10.88 -6.69 -21.67
N THR B 221 -11.20 -5.95 -20.60
CA THR B 221 -12.27 -4.97 -20.71
C THR B 221 -11.91 -3.91 -21.74
N MET B 222 -10.65 -3.46 -21.70
CA MET B 222 -10.22 -2.47 -22.66
C MET B 222 -10.29 -3.00 -24.07
N VAL B 223 -10.04 -4.29 -24.27
CA VAL B 223 -10.16 -4.85 -25.59
C VAL B 223 -11.63 -4.86 -26.01
N GLU B 224 -12.52 -5.20 -25.08
CA GLU B 224 -13.92 -5.35 -25.45
C GLU B 224 -14.52 -3.99 -25.83
N THR B 225 -14.00 -2.91 -25.24
CA THR B 225 -14.51 -1.56 -25.42
C THR B 225 -13.56 -0.69 -26.24
N LYS B 226 -12.63 -1.29 -26.97
CA LYS B 226 -11.57 -0.53 -27.62
C LYS B 226 -12.09 0.34 -28.75
N LYS B 227 -11.58 1.57 -28.78
CA LYS B 227 -11.87 2.53 -29.84
C LYS B 227 -10.60 2.72 -30.65
N VAL B 228 -10.75 2.71 -31.96
CA VAL B 228 -9.61 2.85 -32.83
C VAL B 228 -9.93 3.85 -33.95
N THR B 229 -8.87 4.43 -34.53
CA THR B 229 -8.97 5.11 -35.82
C THR B 229 -9.30 4.12 -36.95
N SER B 230 -9.59 4.67 -38.12
CA SER B 230 -9.78 3.80 -39.30
C SER B 230 -8.47 3.15 -39.74
N SER B 231 -7.34 3.58 -39.18
CA SER B 231 -6.04 2.97 -39.43
C SER B 231 -5.77 1.76 -38.54
N GLY B 232 -6.50 1.62 -37.45
CA GLY B 232 -6.18 0.58 -36.51
C GLY B 232 -5.40 1.05 -35.30
N VAL B 233 -5.40 2.35 -35.02
CA VAL B 233 -4.64 2.93 -33.91
C VAL B 233 -5.56 3.19 -32.73
N LEU B 234 -5.12 2.78 -31.53
CA LEU B 234 -5.87 2.87 -30.29
C LEU B 234 -6.10 4.33 -29.90
N LEU B 235 -7.28 4.61 -29.36
CA LEU B 235 -7.61 5.96 -28.88
C LEU B 235 -7.89 5.75 -27.40
N LEU B 236 -7.08 6.34 -26.53
CA LEU B 236 -7.24 6.16 -25.10
C LEU B 236 -7.34 7.55 -24.50
N ASP B 237 -8.56 8.00 -24.27
CA ASP B 237 -8.73 9.38 -23.84
C ASP B 237 -8.40 9.59 -22.38
N ASN B 238 -8.72 8.67 -21.46
CA ASN B 238 -8.54 9.08 -20.09
C ASN B 238 -7.34 8.42 -19.43
N TYR B 239 -6.77 9.15 -18.48
CA TYR B 239 -5.59 8.70 -17.74
C TYR B 239 -5.78 7.29 -17.24
N SER B 240 -6.94 6.98 -16.67
CA SER B 240 -7.15 5.64 -16.12
C SER B 240 -6.85 4.56 -17.17
N ASP B 241 -7.36 4.73 -18.36
CA ASP B 241 -7.14 3.73 -19.39
C ASP B 241 -5.68 3.71 -19.81
N ARG B 242 -5.06 4.88 -19.99
CA ARG B 242 -3.65 4.88 -20.40
C ARG B 242 -2.74 4.25 -19.33
N ILE B 243 -2.93 4.57 -18.04
CA ILE B 243 -2.08 3.93 -17.04
C ILE B 243 -2.34 2.43 -17.01
N GLN B 244 -3.57 1.99 -17.28
CA GLN B 244 -3.81 0.54 -17.29
C GLN B 244 -3.10 -0.10 -18.46
N VAL B 245 -3.04 0.57 -19.61
CA VAL B 245 -2.26 0.03 -20.73
C VAL B 245 -0.78 -0.06 -20.34
N LEU B 246 -0.23 1.00 -19.71
CA LEU B 246 1.20 0.99 -19.32
C LEU B 246 1.49 -0.05 -18.25
N GLN B 247 0.58 -0.25 -17.30
CA GLN B 247 0.69 -1.31 -16.33
C GLN B 247 0.74 -2.68 -17.02
N ASN B 248 -0.16 -2.91 -17.96
CA ASN B 248 -0.19 -4.20 -18.63
C ASN B 248 1.00 -4.34 -19.55
N MET B 249 1.51 -3.25 -20.10
CA MET B 249 2.67 -3.28 -20.99
C MET B 249 3.91 -3.74 -20.23
N VAL B 250 4.16 -3.13 -19.06
CA VAL B 250 5.33 -3.47 -18.29
C VAL B 250 5.16 -4.86 -17.72
N HIS B 251 3.92 -5.25 -17.37
CA HIS B 251 3.68 -6.62 -16.91
C HIS B 251 3.99 -7.64 -18.03
N CYS B 252 3.57 -7.35 -19.26
CA CYS B 252 3.89 -8.22 -20.40
C CYS B 252 5.39 -8.30 -20.59
N ALA B 253 6.08 -7.18 -20.50
CA ALA B 253 7.54 -7.17 -20.60
C ALA B 253 8.17 -8.05 -19.51
N ASP B 254 7.68 -7.90 -18.28
CA ASP B 254 8.13 -8.72 -17.16
C ASP B 254 7.91 -10.20 -17.44
N LEU B 255 6.81 -10.53 -18.13
CA LEU B 255 6.42 -11.90 -18.44
C LEU B 255 6.69 -12.21 -19.92
N SER B 256 7.79 -11.72 -20.44
CA SER B 256 8.05 -11.87 -21.86
C SER B 256 9.07 -12.95 -22.17
N ASN B 257 9.71 -13.54 -21.17
CA ASN B 257 10.74 -14.54 -21.49
C ASN B 257 10.27 -15.65 -22.44
N PRO B 258 9.09 -16.25 -22.28
CA PRO B 258 8.69 -17.33 -23.21
C PRO B 258 8.35 -16.85 -24.61
N THR B 259 8.23 -15.55 -24.84
CA THR B 259 7.96 -15.00 -26.18
C THR B 259 9.24 -14.64 -26.92
N LYS B 260 10.41 -14.84 -26.33
CA LYS B 260 11.68 -14.50 -26.95
C LYS B 260 12.21 -15.70 -27.73
N PRO B 261 13.18 -15.45 -28.64
CA PRO B 261 13.93 -16.57 -29.25
C PRO B 261 14.32 -17.58 -28.19
N LEU B 262 14.20 -18.85 -28.61
CA LEU B 262 14.33 -19.97 -27.68
C LEU B 262 15.64 -19.96 -26.92
N GLN B 263 16.75 -19.61 -27.59
CA GLN B 263 18.04 -19.63 -26.89
C GLN B 263 18.06 -18.67 -25.70
N LEU B 264 17.36 -17.54 -25.83
CA LEU B 264 17.20 -16.61 -24.71
C LEU B 264 16.26 -17.22 -23.67
N TYR B 265 15.09 -17.64 -24.12
CA TYR B 265 14.09 -18.20 -23.20
C TYR B 265 14.68 -19.32 -22.33
N ARG B 266 15.45 -20.24 -22.92
CA ARG B 266 15.97 -21.36 -22.14
C ARG B 266 16.94 -20.89 -21.06
N GLN B 267 17.68 -19.80 -21.33
CA GLN B 267 18.53 -19.23 -20.29
C GLN B 267 17.71 -18.64 -19.16
N TRP B 268 16.62 -17.92 -19.50
CA TRP B 268 15.76 -17.42 -18.45
C TRP B 268 15.15 -18.53 -17.63
N THR B 269 14.76 -19.65 -18.27
CA THR B 269 14.23 -20.76 -17.49
C THR B 269 15.27 -21.31 -16.52
N ASP B 270 16.49 -21.49 -17.00
CA ASP B 270 17.54 -21.98 -16.10
C ASP B 270 17.70 -21.07 -14.90
N ARG B 271 17.66 -19.75 -15.14
CA ARG B 271 17.87 -18.79 -14.06
C ARG B 271 16.71 -18.76 -13.07
N ILE B 272 15.46 -18.72 -13.56
CA ILE B 272 14.36 -18.68 -12.60
C ILE B 272 14.32 -19.98 -11.80
N MET B 273 14.60 -21.12 -12.45
CA MET B 273 14.58 -22.37 -11.70
C MET B 273 15.65 -22.39 -10.63
N GLU B 274 16.86 -21.87 -10.92
CA GLU B 274 17.87 -21.80 -9.87
C GLU B 274 17.37 -20.95 -8.71
N GLU B 275 16.79 -19.80 -9.01
CA GLU B 275 16.34 -18.94 -7.94
C GLU B 275 15.21 -19.60 -7.13
N PHE B 276 14.23 -20.21 -7.80
CA PHE B 276 13.15 -20.94 -7.15
C PHE B 276 13.70 -22.04 -6.25
N PHE B 277 14.66 -22.83 -6.76
CA PHE B 277 15.17 -23.94 -5.97
C PHE B 277 15.92 -23.44 -4.74
N ARG B 278 16.68 -22.34 -4.88
CA ARG B 278 17.32 -21.75 -3.68
C ARG B 278 16.29 -21.31 -2.65
N GLN B 279 15.18 -20.71 -3.09
CA GLN B 279 14.11 -20.39 -2.15
C GLN B 279 13.59 -21.65 -1.50
N GLY B 280 13.42 -22.72 -2.29
CA GLY B 280 12.98 -23.99 -1.76
C GLY B 280 13.99 -24.59 -0.81
N ASP B 281 15.29 -24.33 -1.03
CA ASP B 281 16.30 -24.89 -0.10
C ASP B 281 16.22 -24.16 1.24
N ARG B 282 16.09 -22.81 1.20
CA ARG B 282 15.90 -22.04 2.43
C ARG B 282 14.64 -22.47 3.14
N GLU B 283 13.58 -22.69 2.39
CA GLU B 283 12.32 -23.15 2.96
C GLU B 283 12.50 -24.52 3.63
N ARG B 284 13.17 -25.44 2.93
CA ARG B 284 13.45 -26.75 3.55
C ARG B 284 14.26 -26.60 4.84
N GLU B 285 15.34 -25.81 4.81
CA GLU B 285 16.21 -25.71 5.97
C GLU B 285 15.51 -25.10 7.17
N ARG B 286 14.63 -24.13 6.92
CA ARG B 286 13.71 -23.54 7.89
C ARG B 286 12.49 -24.40 8.12
N GLY B 287 12.42 -25.58 7.51
CA GLY B 287 11.25 -26.43 7.66
C GLY B 287 9.90 -25.79 7.34
N MET B 288 9.84 -24.92 6.35
CA MET B 288 8.52 -24.52 5.87
C MET B 288 8.13 -25.33 4.62
N GLU B 289 6.84 -25.26 4.30
CA GLU B 289 6.28 -25.81 3.09
C GLU B 289 6.95 -25.18 1.87
N ILE B 290 7.35 -26.02 0.92
CA ILE B 290 8.10 -25.55 -0.25
C ILE B 290 7.12 -25.02 -1.31
N SER B 291 7.41 -23.84 -1.84
CA SER B 291 6.50 -23.21 -2.76
C SER B 291 6.52 -23.96 -4.10
N PRO B 292 5.45 -23.80 -4.90
CA PRO B 292 5.39 -24.47 -6.21
C PRO B 292 6.59 -24.15 -7.06
N MET B 293 7.07 -25.16 -7.77
CA MET B 293 8.27 -25.07 -8.61
C MET B 293 9.56 -24.91 -7.85
N CYS B 294 9.54 -24.87 -6.49
CA CYS B 294 10.75 -24.57 -5.72
C CYS B 294 11.45 -25.77 -5.10
N ASP B 295 10.95 -27.00 -5.32
CA ASP B 295 11.50 -28.22 -4.70
C ASP B 295 12.40 -28.90 -5.72
N LYS B 296 13.71 -28.74 -5.60
CA LYS B 296 14.58 -29.34 -6.59
C LYS B 296 14.48 -30.88 -6.63
N HIS B 297 14.03 -31.53 -5.54
CA HIS B 297 13.90 -32.99 -5.54
C HIS B 297 12.59 -33.47 -6.15
N ASN B 298 11.78 -32.56 -6.65
CA ASN B 298 10.41 -32.92 -7.02
C ASN B 298 9.91 -32.07 -8.18
N ALA B 299 10.81 -31.54 -8.98
CA ALA B 299 10.44 -30.53 -9.97
C ALA B 299 10.25 -31.15 -11.35
N SER B 300 9.41 -30.53 -12.15
CA SER B 300 9.29 -30.87 -13.57
C SER B 300 9.40 -29.56 -14.35
N VAL B 301 10.63 -29.20 -14.72
CA VAL B 301 10.90 -27.88 -15.29
C VAL B 301 10.07 -27.66 -16.56
N GLU B 302 10.03 -28.66 -17.41
CA GLU B 302 9.39 -28.48 -18.71
C GLU B 302 7.88 -28.45 -18.59
N LYS B 303 7.30 -29.32 -17.77
CA LYS B 303 5.86 -29.24 -17.54
C LYS B 303 5.50 -27.92 -16.93
N SER B 304 6.36 -27.39 -16.05
CA SER B 304 6.07 -26.12 -15.41
C SER B 304 6.09 -24.98 -16.43
N GLN B 305 6.98 -25.06 -17.44
CA GLN B 305 7.00 -24.02 -18.47
C GLN B 305 5.76 -24.08 -19.33
N VAL B 306 5.34 -25.29 -19.71
CA VAL B 306 4.14 -25.41 -20.53
C VAL B 306 2.94 -24.88 -19.76
N GLY B 307 2.84 -25.24 -18.49
CA GLY B 307 1.76 -24.72 -17.65
C GLY B 307 1.78 -23.22 -17.52
N PHE B 308 2.98 -22.67 -17.32
CA PHE B 308 3.14 -21.22 -17.23
C PHE B 308 2.64 -20.53 -18.48
N ILE B 309 3.00 -21.05 -19.65
CA ILE B 309 2.52 -20.46 -20.90
C ILE B 309 1.02 -20.64 -21.02
N ASP B 310 0.51 -21.83 -20.73
CA ASP B 310 -0.90 -22.11 -21.02
C ASP B 310 -1.83 -21.29 -20.13
N TYR B 311 -1.48 -21.12 -18.84
CA TYR B 311 -2.35 -20.50 -17.86
C TYR B 311 -2.09 -19.02 -17.63
N ILE B 312 -0.90 -18.52 -17.94
CA ILE B 312 -0.49 -17.16 -17.58
C ILE B 312 -0.04 -16.38 -18.81
N VAL B 313 1.04 -16.84 -19.47
CA VAL B 313 1.71 -15.99 -20.46
C VAL B 313 0.90 -15.91 -21.74
N HIS B 314 0.35 -17.03 -22.19
CA HIS B 314 -0.45 -16.98 -23.42
C HIS B 314 -1.74 -16.23 -23.22
N PRO B 315 -2.55 -16.48 -22.18
CA PRO B 315 -3.76 -15.63 -22.00
C PRO B 315 -3.43 -14.15 -21.98
N LEU B 316 -2.34 -13.82 -21.29
CA LEU B 316 -1.95 -12.41 -21.22
C LEU B 316 -1.57 -11.86 -22.56
N TRP B 317 -0.70 -12.57 -23.29
CA TRP B 317 -0.17 -12.04 -24.52
C TRP B 317 -1.20 -12.12 -25.66
N GLU B 318 -2.13 -13.07 -25.60
CA GLU B 318 -3.20 -13.12 -26.60
C GLU B 318 -4.12 -11.92 -26.41
N THR B 319 -4.36 -11.54 -25.15
CA THR B 319 -5.18 -10.35 -24.89
C THR B 319 -4.46 -9.09 -25.34
N TRP B 320 -3.19 -8.95 -24.97
CA TRP B 320 -2.36 -7.88 -25.53
C TRP B 320 -2.42 -7.84 -27.04
N ALA B 321 -2.30 -9.00 -27.69
CA ALA B 321 -2.31 -9.06 -29.15
C ALA B 321 -3.65 -8.62 -29.70
N ASP B 322 -4.75 -8.95 -29.01
CA ASP B 322 -6.05 -8.43 -29.42
C ASP B 322 -6.12 -6.92 -29.29
N LEU B 323 -5.53 -6.38 -28.24
CA LEU B 323 -5.58 -4.91 -28.02
C LEU B 323 -4.84 -4.19 -29.13
N VAL B 324 -3.72 -4.73 -29.58
CA VAL B 324 -2.89 -4.08 -30.60
C VAL B 324 -2.96 -4.78 -31.97
N HIS B 325 -4.01 -5.58 -32.21
CA HIS B 325 -4.18 -6.40 -33.42
C HIS B 325 -3.86 -5.61 -34.69
N PRO B 326 -3.06 -6.15 -35.59
CA PRO B 326 -2.42 -7.47 -35.49
C PRO B 326 -0.91 -7.37 -35.17
N ASP B 327 -0.49 -6.31 -34.44
CA ASP B 327 0.94 -5.97 -34.38
C ASP B 327 1.73 -6.90 -33.49
N ALA B 328 1.08 -7.63 -32.61
CA ALA B 328 1.79 -8.57 -31.76
C ALA B 328 1.87 -9.97 -32.33
N GLN B 329 1.48 -10.18 -33.58
CA GLN B 329 1.37 -11.54 -34.10
C GLN B 329 2.71 -12.25 -34.15
N ASP B 330 3.82 -11.55 -34.39
CA ASP B 330 5.11 -12.25 -34.46
C ASP B 330 5.53 -12.73 -33.08
N ILE B 331 5.29 -11.88 -32.07
CA ILE B 331 5.60 -12.24 -30.68
C ILE B 331 4.78 -13.45 -30.25
N LEU B 332 3.48 -13.41 -30.51
CA LEU B 332 2.62 -14.53 -30.20
C LEU B 332 3.06 -15.78 -30.94
N ASP B 333 3.48 -15.64 -32.21
CA ASP B 333 4.02 -16.73 -33.02
C ASP B 333 5.17 -17.39 -32.27
N THR B 334 6.13 -16.58 -31.84
CA THR B 334 7.29 -17.12 -31.13
C THR B 334 6.88 -17.83 -29.87
N LEU B 335 5.94 -17.26 -29.13
CA LEU B 335 5.45 -17.89 -27.90
C LEU B 335 4.88 -19.27 -28.19
N GLU B 336 4.10 -19.39 -29.26
CA GLU B 336 3.47 -20.66 -29.56
C GLU B 336 4.50 -21.66 -30.05
N ASP B 337 5.51 -21.18 -30.80
CA ASP B 337 6.59 -22.08 -31.22
C ASP B 337 7.32 -22.62 -30.00
N ASN B 338 7.58 -21.73 -29.02
CA ASN B 338 8.37 -22.14 -27.85
C ASN B 338 7.56 -23.06 -26.96
N ARG B 339 6.26 -22.83 -26.86
CA ARG B 339 5.39 -23.75 -26.15
C ARG B 339 5.47 -25.12 -26.79
N GLU B 340 5.34 -25.19 -28.11
CA GLU B 340 5.42 -26.49 -28.79
C GLU B 340 6.75 -27.18 -28.51
N TRP B 341 7.84 -26.41 -28.53
CA TRP B 341 9.16 -27.01 -28.25
C TRP B 341 9.22 -27.56 -26.83
N TYR B 342 8.87 -26.76 -25.83
CA TYR B 342 8.94 -27.27 -24.47
C TYR B 342 8.05 -28.48 -24.28
N GLN B 343 6.85 -28.48 -24.88
CA GLN B 343 6.00 -29.66 -24.80
C GLN B 343 6.71 -30.88 -25.40
N SER B 344 7.42 -30.69 -26.52
CA SER B 344 8.10 -31.85 -27.14
C SER B 344 9.19 -32.41 -26.25
N THR B 345 9.70 -31.61 -25.29
CA THR B 345 10.72 -32.13 -24.39
C THR B 345 10.15 -32.98 -23.25
N ILE B 346 8.83 -33.07 -23.14
CA ILE B 346 8.17 -33.91 -22.13
C ILE B 346 7.90 -35.27 -22.76
N PRO B 347 8.49 -36.36 -22.26
CA PRO B 347 8.21 -37.68 -22.86
C PRO B 347 6.81 -38.19 -22.56
N GLN B 348 6.36 -39.10 -23.41
CA GLN B 348 4.99 -39.63 -23.32
C GLN B 348 4.72 -40.32 -21.98
ZN ZN C . -6.96 9.09 14.53
MG MG D . -4.85 8.58 11.52
C4 EQC E . -6.90 14.30 10.31
C14 EQC E . -9.88 17.17 7.88
C5 EQC E . -10.36 15.22 11.20
C6 EQC E . -8.18 15.43 8.51
C11 EQC E . -11.92 17.90 14.16
C7 EQC E . -9.53 15.83 7.98
C8 EQC E . -10.90 16.16 12.25
C9 EQC E . -11.28 17.45 11.88
C10 EQC E . -11.81 18.30 12.82
C12 EQC E . -11.52 16.64 14.54
C13 EQC E . -11.02 15.78 13.58
C3 EQC E . -8.28 14.67 9.83
C1 EQC E . -8.13 14.76 12.19
C15 EQC E . -11.12 17.59 7.39
C16 EQC E . -12.02 16.63 6.93
C17 EQC E . -11.66 15.28 6.99
C18 EQC E . -10.43 14.88 7.49
C19 EQC E . -12.19 19.99 11.21
C2 EQC E . -8.86 15.42 11.03
C20 EQC E . -12.60 18.46 16.38
C21 EQC E . -12.33 13.01 6.60
O1 EQC E . -6.83 14.39 11.66
O2 EQC E . -12.20 19.57 12.58
O3 EQC E . -12.47 18.82 14.99
O4 EQC E . -12.61 14.43 6.51
O5 EQC E . -13.24 17.02 6.42
O6 EQC E . -5.93 14.01 9.65
C1 EDO F . -5.83 19.87 6.98
O1 EDO F . -6.26 20.48 5.77
C2 EDO F . -4.90 18.70 6.65
O2 EDO F . -5.33 17.60 7.43
C1 EDO G . 6.71 16.26 17.32
O1 EDO G . 7.17 15.18 18.10
C2 EDO G . 6.29 15.71 15.97
O2 EDO G . 7.42 15.15 15.37
C1 EDO H . -0.99 14.65 25.85
O1 EDO H . -1.06 14.77 27.25
C2 EDO H . 0.46 14.42 25.49
O2 EDO H . 0.78 13.12 25.91
C1 EDO I . -25.59 22.14 23.68
O1 EDO I . -26.69 21.27 23.72
C2 EDO I . -24.62 21.44 22.75
O2 EDO I . -24.63 20.02 22.95
C1 EDO J . -3.98 -7.02 4.59
O1 EDO J . -5.12 -7.45 3.83
C2 EDO J . -2.72 -7.71 4.13
O2 EDO J . -2.80 -9.06 4.49
C1 EDO K . -12.75 -14.54 13.11
O1 EDO K . -12.32 -14.95 14.38
C2 EDO K . -11.59 -13.96 12.32
O2 EDO K . -10.72 -14.99 11.97
C1 EDO L . -5.07 -18.96 23.93
O1 EDO L . -6.17 -18.80 24.78
C2 EDO L . -5.34 -18.22 22.63
O2 EDO L . -5.99 -19.12 21.78
C1 EDO M . 0.01 -11.13 15.88
O1 EDO M . 1.25 -11.80 15.85
C2 EDO M . 0.25 -9.91 15.03
O2 EDO M . 1.12 -10.34 14.01
C1 EDO N . -21.31 16.56 30.31
O1 EDO N . -22.22 15.54 30.01
C2 EDO N . -20.70 16.29 31.67
O2 EDO N . -21.78 15.93 32.47
C1 EDO O . -19.37 -8.33 19.59
O1 EDO O . -20.18 -8.63 18.51
C2 EDO O . -20.18 -8.26 20.88
O2 EDO O . -20.71 -9.52 21.22
C1 EDO P . 1.89 -12.85 8.33
O1 EDO P . 0.63 -12.60 7.79
C2 EDO P . 1.69 -13.90 9.42
O2 EDO P . 0.67 -13.42 10.24
C1 EDO Q . -25.44 -6.39 6.63
O1 EDO Q . -26.55 -7.24 6.78
C2 EDO Q . -24.61 -6.99 5.50
O2 EDO Q . -25.54 -7.47 4.55
C1 EDO R . -16.98 29.61 20.15
O1 EDO R . -15.84 29.87 20.92
C2 EDO R . -16.70 28.32 19.37
O2 EDO R . -15.36 28.29 18.94
C1 EDO S . -13.41 25.20 21.24
O1 EDO S . -13.11 26.27 22.05
C2 EDO S . -14.50 25.72 20.31
O2 EDO S . -13.91 25.96 19.07
C1 EDO T . -26.72 18.03 10.12
O1 EDO T . -25.42 18.11 9.57
C2 EDO T . -26.57 18.10 11.63
O2 EDO T . -27.83 18.23 12.20
C1 EDO U . -32.47 -4.47 19.83
O1 EDO U . -32.18 -5.27 20.95
C2 EDO U . -31.34 -4.64 18.82
O2 EDO U . -30.83 -5.95 18.90
MG MG V . 9.03 -7.93 -9.49
ZN ZN W . 10.55 -8.46 -12.83
C4 EQC X . 8.22 -14.01 -9.99
C14 EQC X . 5.44 -17.78 -10.87
C5 EQC X . 7.43 -15.52 -13.30
C6 EQC X . 6.36 -15.63 -9.96
C11 EQC X . 9.71 -18.00 -15.94
C7 EQC X . 5.32 -16.40 -10.73
C8 EQC X . 8.24 -16.37 -14.22
C9 EQC X . 8.02 -17.73 -14.23
C10 EQC X . 8.74 -18.54 -15.07
C12 EQC X . 9.94 -16.63 -15.94
C13 EQC X . 9.18 -15.83 -15.09
C3 EQC X . 7.20 -14.70 -10.85
C1 EQC X . 9.26 -14.43 -11.99
C15 EQC X . 4.50 -18.50 -11.60
C16 EQC X . 3.43 -17.85 -12.20
C17 EQC X . 3.32 -16.47 -12.07
C18 EQC X . 4.26 -15.75 -11.34
C19 EQC X . 7.62 -20.50 -14.29
C2 EQC X . 8.07 -15.38 -11.92
C20 EQC X . 11.26 -18.38 -17.68
C21 EQC X . 2.14 -14.48 -12.74
O1 EQC X . 9.41 -13.94 -10.64
O2 EQC X . 8.60 -19.90 -15.14
O3 EQC X . 10.32 -18.91 -16.74
O4 EQC X . 2.24 -15.91 -12.70
O5 EQC X . 2.51 -18.58 -12.91
O6 EQC X . 8.10 -13.59 -8.86
C1 EDO Y . 7.31 -18.66 -5.84
O1 EDO Y . 7.45 -17.38 -6.35
C2 EDO Y . 6.76 -19.47 -7.03
O2 EDO Y . 5.97 -20.51 -6.51
C1 EDO Z . -11.27 6.52 -23.06
O1 EDO Z . -10.00 6.03 -22.67
C2 EDO Z . -11.63 5.93 -24.42
O2 EDO Z . -10.74 6.40 -25.42
C1 EDO AA . 0.89 7.31 -5.68
O1 EDO AA . 0.40 8.61 -5.84
C2 EDO AA . -0.18 6.29 -6.07
O2 EDO AA . -0.84 6.67 -7.25
C1 EDO BA . 3.73 -5.89 -30.19
O1 EDO BA . 3.21 -4.92 -29.29
C2 EDO BA . 5.04 -5.51 -30.93
O2 EDO BA . 4.79 -4.27 -31.53
C1 EDO CA . 11.10 11.77 -8.91
O1 EDO CA . 10.29 12.03 -7.79
C2 EDO CA . 10.91 12.96 -9.85
O2 EDO CA . 11.42 14.08 -9.18
C1 EDO DA . 25.56 -5.50 -10.64
O1 EDO DA . 24.17 -5.48 -10.83
C2 EDO DA . 25.69 -6.33 -9.37
O2 EDO DA . 25.51 -5.55 -8.22
C1 EDO EA . 10.13 -15.62 -6.97
O1 EDO EA . 10.33 -16.83 -6.28
C2 EDO EA . 11.51 -15.04 -7.27
O2 EDO EA . 12.26 -14.81 -6.10
C1 EDO FA . 13.80 4.28 1.02
O1 EDO FA . 13.80 4.61 2.39
C2 EDO FA . 14.59 3.00 0.77
O2 EDO FA . 14.08 1.95 1.57
C1 EDO GA . 20.22 -12.67 -0.73
O1 EDO GA . 19.33 -11.61 -0.48
C2 EDO GA . 20.61 -12.63 -2.20
O2 EDO GA . 21.45 -11.55 -2.43
C1 EDO HA . 14.20 -28.40 -21.72
O1 EDO HA . 14.47 -28.11 -20.36
C2 EDO HA . 14.94 -29.65 -22.19
O2 EDO HA . 16.32 -29.48 -22.03
#